data_1N25
#
_entry.id   1N25
#
_cell.length_a   120.321
_cell.length_b   120.321
_cell.length_c   132.202
_cell.angle_alpha   90.00
_cell.angle_beta   90.00
_cell.angle_gamma   120.00
#
_symmetry.space_group_name_H-M   'P 3 2 1'
#
loop_
_entity.id
_entity.type
_entity.pdbx_description
1 polymer 'Large T Antigen'
2 non-polymer 'ZINC ION'
#
_entity_poly.entity_id   1
_entity_poly.type   'polypeptide(L)'
_entity_poly.pdbx_seq_one_letter_code
;EEAEETKQVSWKLVTEYAMETKCDDVLLLLGMYLEFQYSFEMCLKCIKKEQPSHYKYHEKHYANAAIFADSKNQKTICQQ
AVDTVLAKKRVDSLQLTREQMLTNRFNDLLDRMDIMFGSTGSADIEEWMAGVAWLHCLLPKMDSVVYDFLKCMVYNIPKK
RYWLFKGPIDSGKTTLAAALLELCGGKALNVNLPLDRLNFELGVAIDQFLVVFEDVKGTGGESRDLPSGQGINNLDNLRD
YLDGSVKVNLEKKHLNKRTQIFPPGIVTMNEYSVPKTLQARFVKQIDFRPKDYLKHCLERSEFLLEKRIIQSGIALLLML
IWYRPVAEFAQSIQSRIVEWKERLDKEFSLSVYQKMKFNVAMGIGVLD
;
_entity_poly.pdbx_strand_id   A,B
#
loop_
_chem_comp.id
_chem_comp.type
_chem_comp.name
_chem_comp.formula
ZN non-polymer 'ZINC ION' 'Zn 2'
#
# COMPACT_ATOMS: atom_id res chain seq x y z
N LYS A 7 -40.36 20.66 -1.39
CA LYS A 7 -40.41 20.74 0.10
C LYS A 7 -39.02 20.68 0.72
N GLN A 8 -38.51 19.47 0.87
CA GLN A 8 -37.19 19.31 1.46
C GLN A 8 -36.53 18.09 0.82
N VAL A 9 -35.59 18.34 -0.08
CA VAL A 9 -34.89 17.27 -0.76
C VAL A 9 -34.17 16.40 0.23
N SER A 10 -34.20 15.09 -0.02
CA SER A 10 -33.52 14.14 0.84
C SER A 10 -32.08 13.91 0.40
N TRP A 11 -31.14 14.64 0.99
CA TRP A 11 -29.73 14.50 0.66
C TRP A 11 -29.26 13.05 0.85
N LYS A 12 -29.87 12.38 1.83
CA LYS A 12 -29.52 11.01 2.15
C LYS A 12 -29.75 10.06 0.99
N LEU A 13 -30.95 10.15 0.41
CA LEU A 13 -31.28 9.30 -0.72
C LEU A 13 -30.29 9.49 -1.86
N VAL A 14 -30.02 10.74 -2.21
CA VAL A 14 -29.07 11.02 -3.29
C VAL A 14 -27.72 10.36 -2.99
N THR A 15 -27.33 10.37 -1.71
CA THR A 15 -26.08 9.77 -1.32
C THR A 15 -26.16 8.26 -1.48
N GLU A 16 -27.32 7.70 -1.17
CA GLU A 16 -27.53 6.26 -1.29
C GLU A 16 -27.35 5.84 -2.73
N TYR A 17 -27.93 6.60 -3.63
CA TYR A 17 -27.81 6.31 -5.06
C TYR A 17 -26.33 6.39 -5.44
N ALA A 18 -25.66 7.45 -5.01
CA ALA A 18 -24.24 7.61 -5.30
C ALA A 18 -23.42 6.40 -4.84
N MET A 19 -23.61 5.99 -3.58
CA MET A 19 -22.88 4.85 -3.04
C MET A 19 -23.25 3.53 -3.72
N GLU A 20 -24.47 3.44 -4.25
CA GLU A 20 -24.96 2.25 -4.94
C GLU A 20 -24.43 2.19 -6.40
N THR A 21 -24.27 3.36 -7.00
CA THR A 21 -23.77 3.48 -8.36
C THR A 21 -22.24 3.56 -8.30
N LYS A 22 -21.73 3.76 -7.09
CA LYS A 22 -20.29 3.86 -6.88
C LYS A 22 -19.78 5.11 -7.59
N CYS A 23 -20.66 6.10 -7.72
CA CYS A 23 -20.32 7.32 -8.42
C CYS A 23 -19.48 8.33 -7.64
N ASP A 24 -18.22 8.49 -8.06
CA ASP A 24 -17.30 9.42 -7.40
C ASP A 24 -17.14 10.72 -8.19
N ASP A 25 -17.95 10.90 -9.23
CA ASP A 25 -17.91 12.11 -10.05
C ASP A 25 -19.11 13.00 -9.76
N VAL A 26 -18.88 14.25 -9.35
CA VAL A 26 -19.99 15.12 -9.03
C VAL A 26 -20.88 15.49 -10.21
N LEU A 27 -20.29 15.95 -11.31
CA LEU A 27 -21.09 16.30 -12.47
C LEU A 27 -21.80 15.09 -13.06
N LEU A 28 -21.17 13.92 -12.99
CA LEU A 28 -21.77 12.72 -13.51
C LEU A 28 -22.96 12.32 -12.65
N LEU A 29 -22.85 12.51 -11.35
CA LEU A 29 -23.95 12.17 -10.46
C LEU A 29 -25.12 13.12 -10.68
N LEU A 30 -24.83 14.40 -10.67
CA LEU A 30 -25.84 15.43 -10.88
C LEU A 30 -26.67 15.14 -12.11
N GLY A 31 -25.99 15.03 -13.24
CA GLY A 31 -26.66 14.77 -14.50
C GLY A 31 -27.51 13.51 -14.50
N MET A 32 -27.09 12.50 -13.75
CA MET A 32 -27.85 11.26 -13.74
C MET A 32 -29.05 11.33 -12.82
N TYR A 33 -28.87 11.93 -11.64
CA TYR A 33 -29.99 12.00 -10.73
C TYR A 33 -31.12 12.80 -11.36
N LEU A 34 -30.77 13.87 -12.08
CA LEU A 34 -31.75 14.73 -12.72
C LEU A 34 -32.58 14.03 -13.81
N GLU A 35 -32.13 12.87 -14.26
CA GLU A 35 -32.89 12.14 -15.26
C GLU A 35 -34.14 11.55 -14.61
N PHE A 36 -34.02 11.23 -13.33
CA PHE A 36 -35.11 10.64 -12.55
C PHE A 36 -36.28 11.60 -12.27
N GLN A 37 -36.08 12.90 -12.46
CA GLN A 37 -37.12 13.90 -12.19
C GLN A 37 -38.39 13.76 -13.06
N TYR A 38 -38.35 12.87 -14.04
CA TYR A 38 -39.50 12.68 -14.90
C TYR A 38 -40.29 11.47 -14.43
N SER A 39 -41.58 11.46 -14.67
CA SER A 39 -42.40 10.34 -14.24
C SER A 39 -41.83 9.09 -14.89
N PHE A 40 -41.55 8.09 -14.06
CA PHE A 40 -41.02 6.83 -14.53
C PHE A 40 -42.19 6.08 -15.16
N GLU A 41 -43.40 6.53 -14.82
CA GLU A 41 -44.62 5.95 -15.34
C GLU A 41 -44.68 6.10 -16.85
N MET A 42 -43.53 6.31 -17.50
CA MET A 42 -43.51 6.48 -18.94
C MET A 42 -42.08 6.43 -19.47
N CYS A 43 -41.11 6.63 -18.57
CA CYS A 43 -39.68 6.62 -18.91
C CYS A 43 -39.32 5.52 -19.92
N LEU A 44 -38.96 5.93 -21.14
CA LEU A 44 -38.57 4.97 -22.17
C LEU A 44 -37.19 4.40 -21.88
N LYS A 45 -36.36 5.18 -21.19
CA LYS A 45 -35.00 4.76 -20.82
C LYS A 45 -35.09 3.54 -19.94
N CYS A 46 -36.17 3.47 -19.18
CA CYS A 46 -36.46 2.36 -18.27
C CYS A 46 -37.13 1.24 -19.03
N ILE A 47 -38.20 1.58 -19.75
CA ILE A 47 -38.93 0.59 -20.55
C ILE A 47 -37.95 -0.13 -21.47
N LYS A 48 -37.11 0.64 -22.14
CA LYS A 48 -36.13 0.06 -23.03
C LYS A 48 -34.87 -0.46 -22.33
N LYS A 49 -34.79 -0.27 -21.01
CA LYS A 49 -33.65 -0.74 -20.22
C LYS A 49 -32.30 -0.34 -20.83
N GLU A 50 -32.15 0.95 -21.14
CA GLU A 50 -30.95 1.50 -21.77
C GLU A 50 -29.69 1.47 -20.92
N GLN A 51 -29.80 1.95 -19.68
CA GLN A 51 -28.67 2.00 -18.75
C GLN A 51 -29.08 1.50 -17.38
N PRO A 52 -28.40 0.45 -16.88
CA PRO A 52 -28.72 -0.12 -15.56
C PRO A 52 -28.62 0.92 -14.45
N SER A 53 -27.69 1.85 -14.59
CA SER A 53 -27.48 2.91 -13.61
C SER A 53 -28.72 3.81 -13.53
N HIS A 54 -29.60 3.64 -14.51
CA HIS A 54 -30.82 4.43 -14.56
C HIS A 54 -32.08 3.59 -14.32
N TYR A 55 -32.29 2.59 -15.17
CA TYR A 55 -33.49 1.78 -15.06
C TYR A 55 -33.67 0.91 -13.81
N LYS A 56 -32.75 1.01 -12.85
CA LYS A 56 -32.85 0.23 -11.61
C LYS A 56 -33.08 1.17 -10.43
N TYR A 57 -33.13 2.47 -10.70
CA TYR A 57 -33.33 3.42 -9.62
C TYR A 57 -34.34 4.52 -9.92
N HIS A 58 -34.74 4.65 -11.18
CA HIS A 58 -35.69 5.70 -11.53
C HIS A 58 -36.95 5.64 -10.67
N GLU A 59 -37.53 4.45 -10.56
CA GLU A 59 -38.73 4.24 -9.76
C GLU A 59 -38.53 4.81 -8.36
N LYS A 60 -37.65 4.16 -7.60
CA LYS A 60 -37.37 4.56 -6.23
C LYS A 60 -37.03 6.03 -6.04
N HIS A 61 -36.42 6.65 -7.03
CA HIS A 61 -36.02 8.04 -6.88
C HIS A 61 -36.87 9.12 -7.53
N TYR A 62 -37.90 8.74 -8.29
CA TYR A 62 -38.75 9.75 -8.92
C TYR A 62 -39.07 10.84 -7.91
N ALA A 63 -39.89 10.49 -6.92
CA ALA A 63 -40.33 11.39 -5.86
C ALA A 63 -39.25 12.38 -5.43
N ASN A 64 -38.16 11.86 -4.88
CA ASN A 64 -37.08 12.69 -4.39
C ASN A 64 -36.33 13.45 -5.48
N ALA A 65 -36.18 12.84 -6.65
CA ALA A 65 -35.49 13.49 -7.76
C ALA A 65 -36.34 14.64 -8.28
N ALA A 66 -37.66 14.47 -8.19
CA ALA A 66 -38.59 15.49 -8.62
C ALA A 66 -38.45 16.70 -7.70
N ILE A 67 -38.20 16.44 -6.42
CA ILE A 67 -38.00 17.52 -5.45
C ILE A 67 -36.60 18.09 -5.66
N PHE A 68 -35.67 17.21 -6.07
CA PHE A 68 -34.29 17.59 -6.32
C PHE A 68 -34.17 18.63 -7.41
N ALA A 69 -34.83 18.38 -8.53
CA ALA A 69 -34.77 19.30 -9.65
C ALA A 69 -35.27 20.71 -9.30
N ASP A 70 -35.87 20.86 -8.13
CA ASP A 70 -36.38 22.16 -7.71
C ASP A 70 -35.60 22.74 -6.55
N SER A 71 -34.47 22.13 -6.23
CA SER A 71 -33.60 22.57 -5.15
C SER A 71 -32.73 23.72 -5.66
N LYS A 72 -32.35 24.63 -4.75
CA LYS A 72 -31.50 25.75 -5.15
C LYS A 72 -30.00 25.50 -5.02
N ASN A 73 -29.62 24.26 -4.70
CA ASN A 73 -28.21 23.95 -4.59
C ASN A 73 -27.96 22.45 -4.75
N GLN A 74 -28.26 21.98 -5.95
CA GLN A 74 -28.11 20.59 -6.28
C GLN A 74 -26.64 20.15 -6.24
N LYS A 75 -25.74 20.98 -6.75
CA LYS A 75 -24.33 20.60 -6.74
C LYS A 75 -23.76 20.38 -5.34
N THR A 76 -24.20 21.17 -4.37
CA THR A 76 -23.72 21.05 -3.00
C THR A 76 -24.17 19.69 -2.48
N ILE A 77 -25.38 19.29 -2.85
CA ILE A 77 -25.91 18.01 -2.41
C ILE A 77 -25.05 16.89 -3.00
N CYS A 78 -24.81 16.96 -4.31
CA CYS A 78 -24.01 15.94 -4.97
C CYS A 78 -22.59 15.90 -4.42
N GLN A 79 -22.07 17.04 -4.02
CA GLN A 79 -20.73 17.09 -3.46
C GLN A 79 -20.64 16.17 -2.26
N GLN A 80 -21.66 16.22 -1.41
CA GLN A 80 -21.67 15.39 -0.22
C GLN A 80 -21.88 13.92 -0.58
N ALA A 81 -22.68 13.66 -1.61
CA ALA A 81 -22.92 12.29 -2.02
C ALA A 81 -21.59 11.68 -2.44
N VAL A 82 -20.83 12.46 -3.21
CA VAL A 82 -19.53 12.04 -3.72
C VAL A 82 -18.49 11.91 -2.61
N ASP A 83 -18.39 12.95 -1.78
CA ASP A 83 -17.43 12.92 -0.69
C ASP A 83 -17.66 11.65 0.14
N THR A 84 -18.91 11.21 0.19
CA THR A 84 -19.26 10.03 0.94
C THR A 84 -18.71 8.80 0.23
N VAL A 85 -18.79 8.80 -1.09
CA VAL A 85 -18.30 7.67 -1.85
C VAL A 85 -16.79 7.57 -1.67
N LEU A 86 -16.13 8.72 -1.64
CA LEU A 86 -14.68 8.76 -1.47
C LEU A 86 -14.28 8.44 -0.03
N ALA A 87 -15.18 8.71 0.91
CA ALA A 87 -14.92 8.45 2.32
C ALA A 87 -14.88 6.94 2.53
N LYS A 88 -15.69 6.23 1.77
CA LYS A 88 -15.76 4.76 1.86
C LYS A 88 -14.54 4.16 1.17
N LYS A 89 -14.21 4.68 -0.01
CA LYS A 89 -13.06 4.20 -0.75
C LYS A 89 -11.80 4.44 0.05
N ARG A 90 -11.92 5.34 1.03
CA ARG A 90 -10.79 5.68 1.88
C ARG A 90 -10.70 4.73 3.07
N VAL A 91 -11.85 4.33 3.57
CA VAL A 91 -11.88 3.43 4.70
C VAL A 91 -11.39 2.08 4.25
N ASP A 92 -11.99 1.54 3.20
CA ASP A 92 -11.60 0.23 2.70
C ASP A 92 -10.13 0.22 2.32
N SER A 93 -9.62 1.39 2.00
CA SER A 93 -8.22 1.55 1.65
C SER A 93 -7.31 1.14 2.81
N LEU A 94 -7.81 1.30 4.03
CA LEU A 94 -7.02 0.94 5.21
C LEU A 94 -7.55 -0.26 6.00
N GLN A 95 -8.86 -0.49 5.93
CA GLN A 95 -9.45 -1.60 6.67
C GLN A 95 -9.54 -2.93 5.95
N LEU A 96 -9.66 -2.90 4.62
CA LEU A 96 -9.77 -4.16 3.88
C LEU A 96 -8.45 -4.88 3.65
N THR A 97 -8.50 -6.20 3.61
CA THR A 97 -7.32 -7.02 3.37
C THR A 97 -7.13 -7.11 1.84
N ARG A 98 -5.93 -7.48 1.40
CA ARG A 98 -5.71 -7.54 -0.03
C ARG A 98 -6.67 -8.51 -0.74
N GLU A 99 -6.88 -9.69 -0.16
CA GLU A 99 -7.80 -10.63 -0.79
C GLU A 99 -9.21 -10.01 -0.93
N GLN A 100 -9.62 -9.21 0.06
CA GLN A 100 -10.92 -8.57 -0.02
C GLN A 100 -10.85 -7.53 -1.12
N MET A 101 -9.73 -6.81 -1.20
CA MET A 101 -9.59 -5.81 -2.24
C MET A 101 -9.80 -6.54 -3.56
N LEU A 102 -9.12 -7.68 -3.72
CA LEU A 102 -9.24 -8.45 -4.96
C LEU A 102 -10.68 -8.93 -5.23
N THR A 103 -11.36 -9.41 -4.18
CA THR A 103 -12.72 -9.91 -4.36
C THR A 103 -13.66 -8.79 -4.80
N ASN A 104 -13.46 -7.58 -4.28
CA ASN A 104 -14.32 -6.46 -4.67
C ASN A 104 -14.13 -6.20 -6.14
N ARG A 105 -12.88 -6.25 -6.57
CA ARG A 105 -12.57 -6.05 -7.97
C ARG A 105 -13.34 -7.10 -8.74
N PHE A 106 -13.18 -8.34 -8.33
CA PHE A 106 -13.87 -9.45 -8.97
C PHE A 106 -15.36 -9.19 -9.06
N ASN A 107 -15.99 -8.89 -7.93
CA ASN A 107 -17.42 -8.62 -7.90
C ASN A 107 -17.81 -7.52 -8.89
N ASP A 108 -16.93 -6.54 -9.06
CA ASP A 108 -17.22 -5.45 -9.99
C ASP A 108 -17.13 -5.93 -11.43
N LEU A 109 -16.18 -6.82 -11.71
CA LEU A 109 -16.05 -7.34 -13.08
C LEU A 109 -17.22 -8.26 -13.43
N LEU A 110 -17.78 -8.91 -12.41
CA LEU A 110 -18.91 -9.78 -12.64
C LEU A 110 -20.15 -8.93 -12.91
N ASP A 111 -20.29 -7.78 -12.26
CA ASP A 111 -21.45 -6.94 -12.53
C ASP A 111 -21.38 -6.53 -14.00
N ARG A 112 -20.17 -6.19 -14.46
CA ARG A 112 -19.93 -5.81 -15.87
C ARG A 112 -20.28 -6.96 -16.82
N MET A 113 -19.98 -8.18 -16.39
CA MET A 113 -20.24 -9.37 -17.18
C MET A 113 -21.72 -9.71 -17.17
N ASP A 114 -22.39 -9.48 -16.05
CA ASP A 114 -23.82 -9.76 -15.95
C ASP A 114 -24.57 -8.98 -17.02
N ILE A 115 -24.16 -7.74 -17.25
CA ILE A 115 -24.81 -6.90 -18.24
C ILE A 115 -24.34 -7.23 -19.65
N MET A 116 -23.04 -7.36 -19.86
CA MET A 116 -22.50 -7.68 -21.19
C MET A 116 -23.24 -8.87 -21.81
N PHE A 117 -23.34 -9.95 -21.05
CA PHE A 117 -23.97 -11.18 -21.54
C PHE A 117 -25.41 -11.37 -21.07
N GLY A 118 -26.06 -10.28 -20.68
CA GLY A 118 -27.42 -10.37 -20.21
C GLY A 118 -28.47 -10.12 -21.27
N SER A 119 -29.73 -10.09 -20.85
CA SER A 119 -30.89 -9.85 -21.73
C SER A 119 -30.74 -8.55 -22.52
N THR A 120 -30.39 -7.48 -21.83
CA THR A 120 -30.19 -6.18 -22.46
C THR A 120 -28.68 -5.89 -22.42
N GLY A 121 -27.96 -6.51 -23.36
CA GLY A 121 -26.52 -6.34 -23.44
C GLY A 121 -26.12 -6.75 -24.84
N SER A 122 -24.92 -6.37 -25.28
CA SER A 122 -24.46 -6.70 -26.62
C SER A 122 -23.51 -7.89 -26.70
N ALA A 123 -22.61 -8.00 -25.73
CA ALA A 123 -21.61 -9.07 -25.69
C ALA A 123 -22.02 -10.44 -26.25
N ASP A 124 -21.10 -11.05 -27.00
CA ASP A 124 -21.31 -12.36 -27.61
C ASP A 124 -20.41 -13.36 -26.86
N ILE A 125 -20.94 -14.01 -25.84
CA ILE A 125 -20.14 -14.93 -25.03
C ILE A 125 -19.31 -15.97 -25.79
N GLU A 126 -19.78 -16.39 -26.95
CA GLU A 126 -19.05 -17.37 -27.73
C GLU A 126 -17.73 -16.78 -28.21
N GLU A 127 -17.74 -15.48 -28.52
CA GLU A 127 -16.54 -14.79 -28.98
C GLU A 127 -15.60 -14.55 -27.81
N TRP A 128 -16.15 -14.51 -26.60
CA TRP A 128 -15.33 -14.32 -25.41
C TRP A 128 -14.68 -15.62 -24.91
N MET A 129 -15.26 -16.77 -25.23
CA MET A 129 -14.64 -18.02 -24.81
C MET A 129 -13.57 -18.30 -25.83
N ALA A 130 -13.76 -17.77 -27.03
CA ALA A 130 -12.79 -17.92 -28.10
C ALA A 130 -11.57 -17.13 -27.66
N GLY A 131 -11.82 -16.04 -26.93
CA GLY A 131 -10.73 -15.20 -26.42
C GLY A 131 -9.92 -15.98 -25.39
N VAL A 132 -10.63 -16.72 -24.55
CA VAL A 132 -10.00 -17.55 -23.54
C VAL A 132 -9.18 -18.64 -24.25
N ALA A 133 -9.77 -19.25 -25.26
CA ALA A 133 -9.07 -20.29 -25.98
C ALA A 133 -7.76 -19.73 -26.55
N TRP A 134 -7.82 -18.56 -27.18
CA TRP A 134 -6.61 -17.97 -27.74
C TRP A 134 -5.60 -17.64 -26.64
N LEU A 135 -6.08 -17.14 -25.50
CA LEU A 135 -5.20 -16.80 -24.38
C LEU A 135 -4.55 -18.02 -23.72
N HIS A 136 -5.28 -19.11 -23.68
CA HIS A 136 -4.78 -20.32 -23.05
C HIS A 136 -3.81 -21.04 -23.97
N CYS A 137 -3.44 -20.39 -25.07
CA CYS A 137 -2.52 -20.94 -26.05
C CYS A 137 -1.31 -20.03 -26.15
N LEU A 138 -1.40 -18.87 -25.50
CA LEU A 138 -0.33 -17.89 -25.50
C LEU A 138 0.82 -18.29 -24.58
N LEU A 139 0.47 -18.94 -23.48
CA LEU A 139 1.45 -19.38 -22.51
C LEU A 139 1.04 -20.74 -22.00
N PRO A 140 2.01 -21.57 -21.62
CA PRO A 140 1.76 -22.92 -21.10
C PRO A 140 1.12 -22.85 -19.72
N LYS A 141 0.15 -23.73 -19.47
CA LYS A 141 -0.53 -23.76 -18.18
C LYS A 141 -0.99 -22.35 -17.80
N MET A 142 -1.37 -21.59 -18.84
CA MET A 142 -1.81 -20.21 -18.66
C MET A 142 -2.74 -20.01 -17.49
N ASP A 143 -3.71 -20.89 -17.29
CA ASP A 143 -4.65 -20.69 -16.19
C ASP A 143 -3.99 -20.86 -14.82
N SER A 144 -2.90 -21.61 -14.76
CA SER A 144 -2.22 -21.78 -13.48
C SER A 144 -1.36 -20.51 -13.25
N VAL A 145 -0.89 -19.94 -14.36
CA VAL A 145 -0.08 -18.73 -14.34
C VAL A 145 -0.85 -17.56 -13.77
N VAL A 146 -2.12 -17.43 -14.15
CA VAL A 146 -2.94 -16.32 -13.66
C VAL A 146 -3.28 -16.52 -12.20
N TYR A 147 -3.51 -17.76 -11.81
CA TYR A 147 -3.82 -18.04 -10.41
C TYR A 147 -2.55 -17.72 -9.61
N ASP A 148 -1.42 -18.20 -10.11
CA ASP A 148 -0.16 -17.94 -9.44
C ASP A 148 0.03 -16.45 -9.30
N PHE A 149 -0.07 -15.73 -10.41
CA PHE A 149 0.11 -14.29 -10.38
C PHE A 149 -0.78 -13.61 -9.34
N LEU A 150 -2.05 -14.02 -9.29
CA LEU A 150 -3.00 -13.46 -8.33
C LEU A 150 -2.55 -13.71 -6.91
N LYS A 151 -2.02 -14.89 -6.63
CA LYS A 151 -1.57 -15.18 -5.25
C LYS A 151 -0.33 -14.34 -4.92
N CYS A 152 0.54 -14.18 -5.91
CA CYS A 152 1.72 -13.38 -5.73
C CYS A 152 1.26 -11.98 -5.35
N MET A 153 0.37 -11.40 -6.17
CA MET A 153 -0.13 -10.05 -5.92
C MET A 153 -0.87 -9.91 -4.60
N VAL A 154 -1.63 -10.92 -4.19
CA VAL A 154 -2.35 -10.80 -2.93
C VAL A 154 -1.45 -11.04 -1.74
N TYR A 155 -0.62 -12.06 -1.82
CA TYR A 155 0.28 -12.38 -0.72
C TYR A 155 1.26 -11.21 -0.49
N ASN A 156 1.53 -10.47 -1.55
CA ASN A 156 2.44 -9.33 -1.48
C ASN A 156 3.60 -9.51 -0.52
N ILE A 157 4.52 -10.42 -0.86
CA ILE A 157 5.67 -10.69 0.00
C ILE A 157 6.95 -9.99 -0.42
N PRO A 158 7.61 -9.32 0.54
CA PRO A 158 8.85 -8.63 0.17
C PRO A 158 9.80 -9.47 -0.68
N LYS A 159 10.32 -8.85 -1.73
CA LYS A 159 11.26 -9.47 -2.67
C LYS A 159 10.68 -10.61 -3.48
N LYS A 160 9.35 -10.71 -3.52
CA LYS A 160 8.68 -11.75 -4.31
C LYS A 160 7.36 -11.17 -4.78
N ARG A 161 7.38 -9.92 -5.19
CA ARG A 161 6.16 -9.22 -5.62
C ARG A 161 6.13 -8.78 -7.08
N TYR A 162 7.24 -8.99 -7.79
CA TYR A 162 7.33 -8.57 -9.18
C TYR A 162 7.62 -9.63 -10.19
N TRP A 163 6.96 -9.50 -11.33
CA TRP A 163 7.15 -10.40 -12.45
C TRP A 163 7.69 -9.54 -13.58
N LEU A 164 8.54 -10.13 -14.40
CA LEU A 164 9.15 -9.45 -15.53
C LEU A 164 8.77 -10.11 -16.85
N PHE A 165 8.05 -9.38 -17.71
CA PHE A 165 7.68 -9.92 -19.00
C PHE A 165 8.66 -9.38 -20.04
N LYS A 166 9.39 -10.28 -20.68
CA LYS A 166 10.37 -9.88 -21.68
C LYS A 166 9.93 -10.38 -23.05
N GLY A 167 10.27 -9.64 -24.11
CA GLY A 167 9.92 -10.07 -25.45
C GLY A 167 9.90 -8.97 -26.50
N PRO A 168 10.00 -9.34 -27.79
CA PRO A 168 9.99 -8.37 -28.89
C PRO A 168 8.60 -7.76 -28.91
N ILE A 169 8.30 -6.91 -29.88
CA ILE A 169 6.96 -6.34 -29.97
C ILE A 169 6.08 -7.41 -30.61
N ASP A 170 4.79 -7.38 -30.30
CA ASP A 170 3.83 -8.35 -30.84
C ASP A 170 4.18 -9.78 -30.47
N SER A 171 4.47 -10.00 -29.18
CA SER A 171 4.80 -11.31 -28.67
C SER A 171 3.76 -11.74 -27.65
N GLY A 172 2.97 -10.77 -27.17
CA GLY A 172 1.93 -11.07 -26.22
C GLY A 172 2.03 -10.51 -24.79
N LYS A 173 3.23 -10.06 -24.38
CA LYS A 173 3.41 -9.52 -23.01
C LYS A 173 2.55 -8.29 -22.71
N THR A 174 2.39 -7.45 -23.72
CA THR A 174 1.60 -6.24 -23.58
C THR A 174 0.14 -6.63 -23.35
N THR A 175 -0.35 -7.55 -24.17
CA THR A 175 -1.75 -8.00 -24.04
C THR A 175 -2.03 -8.65 -22.67
N LEU A 176 -1.24 -9.65 -22.28
CA LEU A 176 -1.48 -10.29 -21.00
C LEU A 176 -1.34 -9.28 -19.87
N ALA A 177 -0.32 -8.43 -19.97
CA ALA A 177 -0.10 -7.44 -18.92
C ALA A 177 -1.26 -6.46 -18.78
N ALA A 178 -1.97 -6.25 -19.87
CA ALA A 178 -3.12 -5.35 -19.88
C ALA A 178 -4.32 -6.01 -19.21
N ALA A 179 -4.61 -7.25 -19.63
CA ALA A 179 -5.71 -7.99 -19.04
C ALA A 179 -5.43 -8.18 -17.56
N LEU A 180 -4.20 -8.52 -17.22
CA LEU A 180 -3.82 -8.71 -15.83
C LEU A 180 -4.09 -7.43 -15.03
N LEU A 181 -3.73 -6.29 -15.60
CA LEU A 181 -3.95 -5.01 -14.96
C LEU A 181 -5.44 -4.83 -14.68
N GLU A 182 -6.25 -4.99 -15.71
CA GLU A 182 -7.69 -4.85 -15.59
C GLU A 182 -8.31 -5.93 -14.71
N LEU A 183 -7.65 -7.08 -14.62
CA LEU A 183 -8.19 -8.15 -13.79
C LEU A 183 -8.02 -7.78 -12.34
N CYS A 184 -6.94 -7.07 -12.03
CA CYS A 184 -6.64 -6.67 -10.66
C CYS A 184 -6.88 -5.23 -10.27
N GLY A 185 -6.89 -4.35 -11.25
CA GLY A 185 -7.06 -2.94 -10.94
C GLY A 185 -5.67 -2.40 -10.60
N GLY A 186 -5.39 -1.18 -10.99
CA GLY A 186 -4.08 -0.62 -10.71
C GLY A 186 -3.61 0.23 -11.87
N LYS A 187 -2.63 1.07 -11.64
CA LYS A 187 -2.16 1.93 -12.72
C LYS A 187 -0.83 1.50 -13.34
N ALA A 188 -0.65 1.89 -14.60
CA ALA A 188 0.59 1.60 -15.30
C ALA A 188 1.42 2.84 -15.04
N LEU A 189 2.74 2.70 -15.07
CA LEU A 189 3.60 3.85 -14.82
C LEU A 189 4.72 3.84 -15.86
N ASN A 190 5.33 4.99 -16.09
CA ASN A 190 6.42 5.08 -17.07
C ASN A 190 7.68 5.63 -16.44
N VAL A 191 8.66 4.76 -16.25
CA VAL A 191 9.93 5.13 -15.64
C VAL A 191 10.97 5.60 -16.65
N ASN A 192 10.54 5.84 -17.88
CA ASN A 192 11.45 6.29 -18.94
C ASN A 192 11.45 7.82 -18.93
N LEU A 193 11.68 8.36 -17.74
CA LEU A 193 11.70 9.80 -17.55
C LEU A 193 12.99 10.28 -16.91
N PRO A 194 13.22 11.61 -16.94
CA PRO A 194 14.43 12.18 -16.35
C PRO A 194 14.38 11.96 -14.85
N LEU A 195 15.47 11.44 -14.29
CA LEU A 195 15.55 11.13 -12.87
C LEU A 195 14.82 12.08 -11.91
N ASP A 196 14.44 13.26 -12.40
CA ASP A 196 13.74 14.25 -11.57
C ASP A 196 12.23 14.22 -11.79
N ARG A 197 11.81 13.80 -12.99
CA ARG A 197 10.40 13.72 -13.33
C ARG A 197 9.80 12.42 -12.77
N LEU A 198 10.68 11.51 -12.34
CA LEU A 198 10.28 10.22 -11.79
C LEU A 198 9.19 10.31 -10.69
N ASN A 199 9.57 10.72 -9.48
CA ASN A 199 8.67 10.84 -8.33
C ASN A 199 7.20 11.18 -8.59
N PHE A 200 6.94 12.13 -9.50
CA PHE A 200 5.56 12.53 -9.83
C PHE A 200 4.83 11.26 -10.27
N GLU A 201 5.43 10.57 -11.24
CA GLU A 201 4.91 9.33 -11.81
C GLU A 201 4.77 8.27 -10.71
N LEU A 202 5.83 8.02 -9.96
CA LEU A 202 5.80 7.03 -8.89
C LEU A 202 4.67 7.26 -7.89
N GLY A 203 4.20 8.50 -7.81
CA GLY A 203 3.12 8.83 -6.88
C GLY A 203 1.78 8.30 -7.33
N VAL A 204 1.67 8.06 -8.63
CA VAL A 204 0.44 7.53 -9.23
C VAL A 204 0.01 6.23 -8.57
N ALA A 205 0.99 5.45 -8.15
CA ALA A 205 0.77 4.15 -7.53
C ALA A 205 0.10 4.22 -6.15
N ILE A 206 -0.12 5.43 -5.65
CA ILE A 206 -0.74 5.60 -4.35
C ILE A 206 -2.10 4.93 -4.27
N ASP A 207 -2.34 4.21 -3.17
CA ASP A 207 -3.60 3.51 -2.93
C ASP A 207 -3.91 2.39 -3.94
N GLN A 208 -2.99 2.12 -4.85
CA GLN A 208 -3.18 1.10 -5.88
C GLN A 208 -2.95 -0.35 -5.42
N PHE A 209 -3.62 -1.29 -6.10
CA PHE A 209 -3.50 -2.70 -5.78
C PHE A 209 -2.22 -3.22 -6.38
N LEU A 210 -2.01 -2.92 -7.66
CA LEU A 210 -0.79 -3.35 -8.32
C LEU A 210 -0.41 -2.32 -9.36
N VAL A 211 0.84 -2.38 -9.78
CA VAL A 211 1.35 -1.47 -10.75
C VAL A 211 2.00 -2.23 -11.91
N VAL A 212 1.94 -1.64 -13.11
CA VAL A 212 2.57 -2.23 -14.27
C VAL A 212 3.51 -1.23 -14.93
N PHE A 213 4.82 -1.47 -14.81
CA PHE A 213 5.83 -0.62 -15.42
C PHE A 213 5.90 -0.97 -16.92
N GLU A 214 5.11 -0.26 -17.72
CA GLU A 214 5.03 -0.48 -19.15
C GLU A 214 6.27 -0.18 -19.97
N ASP A 215 6.74 -1.20 -20.69
CA ASP A 215 7.91 -1.09 -21.56
C ASP A 215 9.04 -0.23 -21.05
N VAL A 216 9.86 -0.82 -20.19
CA VAL A 216 11.00 -0.14 -19.63
C VAL A 216 12.08 -0.22 -20.68
N LYS A 217 12.86 0.84 -20.84
CA LYS A 217 13.93 0.82 -21.83
C LYS A 217 15.30 0.88 -21.18
N GLY A 218 16.25 0.15 -21.75
CA GLY A 218 17.61 0.12 -21.22
C GLY A 218 18.63 0.81 -22.11
N THR A 219 19.90 0.57 -21.85
CA THR A 219 20.95 1.18 -22.64
C THR A 219 21.52 0.23 -23.69
N GLY A 220 22.64 -0.39 -23.36
CA GLY A 220 23.29 -1.31 -24.27
C GLY A 220 22.75 -1.45 -25.69
N GLY A 221 22.11 -2.59 -25.93
CA GLY A 221 21.55 -2.96 -27.22
C GLY A 221 20.93 -2.07 -28.28
N GLU A 222 21.72 -1.21 -28.91
CA GLU A 222 21.20 -0.35 -29.98
C GLU A 222 21.56 -1.01 -31.32
N SER A 223 22.39 -2.06 -31.25
CA SER A 223 22.84 -2.81 -32.43
C SER A 223 21.73 -3.71 -32.94
N ARG A 224 20.77 -4.01 -32.08
CA ARG A 224 19.65 -4.85 -32.42
C ARG A 224 18.41 -3.98 -32.63
N ASP A 225 18.64 -2.69 -32.87
CA ASP A 225 17.57 -1.74 -33.12
C ASP A 225 16.62 -1.50 -31.95
N LEU A 226 17.20 -1.13 -30.82
CA LEU A 226 16.41 -0.85 -29.62
C LEU A 226 16.88 0.47 -29.01
N PRO A 227 15.97 1.45 -28.92
CA PRO A 227 16.21 2.79 -28.38
C PRO A 227 16.74 2.80 -26.95
N SER A 228 17.82 3.56 -26.73
CA SER A 228 18.41 3.68 -25.40
C SER A 228 17.55 4.57 -24.51
N GLY A 229 17.25 4.08 -23.30
CA GLY A 229 16.42 4.85 -22.39
C GLY A 229 16.99 4.72 -20.99
N GLN A 230 16.46 5.47 -20.03
CA GLN A 230 16.98 5.38 -18.67
C GLN A 230 16.07 4.63 -17.70
N GLY A 231 14.95 4.12 -18.21
CA GLY A 231 14.01 3.39 -17.37
C GLY A 231 14.64 2.27 -16.56
N ILE A 232 15.35 1.36 -17.23
CA ILE A 232 16.00 0.26 -16.54
C ILE A 232 16.86 0.82 -15.43
N ASN A 233 17.65 1.82 -15.82
CA ASN A 233 18.57 2.47 -14.90
C ASN A 233 17.85 3.00 -13.67
N ASN A 234 16.66 3.56 -13.87
CA ASN A 234 15.88 4.09 -12.77
C ASN A 234 15.39 2.96 -11.87
N LEU A 235 14.84 1.90 -12.46
CA LEU A 235 14.35 0.78 -11.67
C LEU A 235 15.43 0.29 -10.72
N ASP A 236 16.66 0.19 -11.21
CA ASP A 236 17.75 -0.27 -10.36
C ASP A 236 17.95 0.69 -9.18
N ASN A 237 17.43 1.91 -9.31
CA ASN A 237 17.52 2.89 -8.25
C ASN A 237 16.23 2.91 -7.46
N LEU A 238 15.38 1.90 -7.67
CA LEU A 238 14.12 1.82 -6.96
C LEU A 238 13.96 0.49 -6.23
N ARG A 239 15.08 -0.13 -5.88
CA ARG A 239 15.08 -1.40 -5.16
C ARG A 239 14.11 -1.31 -3.99
N ASP A 240 14.08 -0.16 -3.32
CA ASP A 240 13.19 0.07 -2.18
C ASP A 240 11.72 -0.13 -2.54
N TYR A 241 11.31 0.52 -3.61
CA TYR A 241 9.95 0.41 -4.06
C TYR A 241 9.63 -1.02 -4.47
N LEU A 242 10.43 -1.59 -5.36
CA LEU A 242 10.18 -2.93 -5.86
C LEU A 242 9.94 -4.05 -4.85
N ASP A 243 10.92 -4.35 -4.00
CA ASP A 243 10.73 -5.43 -3.05
C ASP A 243 10.01 -5.06 -1.77
N GLY A 244 9.70 -3.79 -1.62
CA GLY A 244 8.98 -3.30 -0.46
C GLY A 244 9.08 -4.04 0.88
N SER A 245 10.23 -3.91 1.54
CA SER A 245 10.43 -4.52 2.86
C SER A 245 10.00 -3.50 3.90
N VAL A 246 10.08 -2.23 3.52
CA VAL A 246 9.70 -1.11 4.38
C VAL A 246 8.88 -0.11 3.55
N LYS A 247 8.08 0.71 4.24
CA LYS A 247 7.24 1.71 3.58
C LYS A 247 8.02 2.78 2.80
N VAL A 248 7.27 3.58 2.04
CA VAL A 248 7.86 4.63 1.20
C VAL A 248 6.92 5.83 1.12
N ASN A 249 7.47 7.00 0.80
CA ASN A 249 6.67 8.22 0.68
C ASN A 249 6.34 8.53 -0.80
N LEU A 250 5.06 8.66 -1.10
CA LEU A 250 4.61 8.92 -2.46
C LEU A 250 4.06 10.34 -2.59
N GLU A 251 4.19 10.93 -3.77
CA GLU A 251 3.74 12.30 -3.99
C GLU A 251 2.66 12.54 -5.05
N LYS A 252 2.03 13.71 -4.95
CA LYS A 252 0.97 14.17 -5.86
C LYS A 252 0.70 15.64 -5.52
N LYS A 253 -0.15 16.30 -6.31
CA LYS A 253 -0.48 17.71 -6.09
C LYS A 253 0.72 18.58 -5.72
N HIS A 254 1.91 18.17 -6.16
CA HIS A 254 3.14 18.90 -5.88
C HIS A 254 3.44 19.01 -4.38
N LEU A 255 3.22 17.91 -3.66
CA LEU A 255 3.47 17.83 -2.21
C LEU A 255 3.30 16.37 -1.78
N ASN A 256 3.98 15.97 -0.70
CA ASN A 256 3.91 14.59 -0.19
C ASN A 256 2.55 14.15 0.34
N LYS A 257 2.08 12.99 -0.14
CA LYS A 257 0.81 12.41 0.29
C LYS A 257 1.12 11.12 1.06
N ARG A 258 0.40 10.05 0.71
CA ARG A 258 0.56 8.74 1.36
C ARG A 258 1.95 8.14 1.46
N THR A 259 2.13 7.36 2.52
CA THR A 259 3.38 6.64 2.80
C THR A 259 2.90 5.19 2.90
N GLN A 260 3.59 4.26 2.25
CA GLN A 260 3.16 2.87 2.26
C GLN A 260 4.16 1.95 1.61
N ILE A 261 3.74 0.69 1.45
CA ILE A 261 4.56 -0.31 0.79
C ILE A 261 4.26 -0.09 -0.68
N PHE A 262 5.28 0.18 -1.49
CA PHE A 262 5.01 0.41 -2.91
C PHE A 262 4.25 -0.83 -3.35
N PRO A 263 3.30 -0.69 -4.30
CA PRO A 263 2.58 -1.89 -4.69
C PRO A 263 3.40 -2.84 -5.52
N PRO A 264 2.98 -4.12 -5.54
CA PRO A 264 3.64 -5.19 -6.30
C PRO A 264 3.19 -5.03 -7.76
N GLY A 265 3.85 -5.74 -8.69
CA GLY A 265 3.44 -5.60 -10.07
C GLY A 265 4.23 -6.30 -11.17
N ILE A 266 4.19 -5.73 -12.36
CA ILE A 266 4.88 -6.30 -13.50
C ILE A 266 5.71 -5.25 -14.23
N VAL A 267 6.83 -5.71 -14.79
CA VAL A 267 7.66 -4.84 -15.59
C VAL A 267 7.63 -5.49 -16.97
N THR A 268 7.19 -4.74 -17.95
CA THR A 268 7.13 -5.20 -19.34
C THR A 268 8.39 -4.64 -20.01
N MET A 269 9.20 -5.52 -20.59
CA MET A 269 10.47 -5.09 -21.18
C MET A 269 10.70 -5.60 -22.60
N ASN A 270 11.59 -4.93 -23.34
CA ASN A 270 11.84 -5.30 -24.73
C ASN A 270 13.10 -6.10 -25.06
N GLU A 271 13.78 -6.64 -24.07
CA GLU A 271 14.99 -7.44 -24.30
C GLU A 271 16.32 -6.74 -24.16
N TYR A 272 16.38 -5.75 -23.28
CA TYR A 272 17.63 -5.07 -23.03
C TYR A 272 18.30 -5.93 -21.98
N SER A 273 19.63 -5.85 -21.89
CA SER A 273 20.36 -6.59 -20.89
C SER A 273 19.93 -6.04 -19.54
N VAL A 274 19.91 -6.89 -18.52
CA VAL A 274 19.51 -6.46 -17.19
C VAL A 274 20.61 -6.64 -16.15
N PRO A 275 20.81 -5.63 -15.30
CA PRO A 275 21.85 -5.69 -14.27
C PRO A 275 21.46 -6.76 -13.25
N LYS A 276 22.43 -7.58 -12.83
CA LYS A 276 22.16 -8.64 -11.86
C LYS A 276 21.47 -8.14 -10.59
N THR A 277 21.69 -6.88 -10.23
CA THR A 277 21.05 -6.33 -9.04
C THR A 277 19.55 -6.12 -9.29
N LEU A 278 19.20 -5.84 -10.55
CA LEU A 278 17.80 -5.61 -10.91
C LEU A 278 17.10 -6.95 -11.09
N GLN A 279 17.74 -7.82 -11.85
CA GLN A 279 17.22 -9.15 -12.12
C GLN A 279 16.70 -9.80 -10.84
N ALA A 280 17.47 -9.60 -9.76
CA ALA A 280 17.16 -10.16 -8.45
C ALA A 280 15.87 -9.68 -7.83
N ARG A 281 15.33 -8.57 -8.32
CA ARG A 281 14.11 -8.04 -7.76
C ARG A 281 12.90 -8.75 -8.34
N PHE A 282 13.12 -9.47 -9.43
CA PHE A 282 12.03 -10.21 -10.06
C PHE A 282 12.03 -11.66 -9.62
N VAL A 283 10.93 -12.07 -8.98
CA VAL A 283 10.82 -13.43 -8.50
C VAL A 283 10.43 -14.38 -9.63
N LYS A 284 9.95 -13.81 -10.73
CA LYS A 284 9.52 -14.60 -11.87
C LYS A 284 9.75 -13.86 -13.18
N GLN A 285 10.16 -14.57 -14.22
CA GLN A 285 10.37 -13.94 -15.52
C GLN A 285 9.69 -14.78 -16.60
N ILE A 286 8.96 -14.11 -17.47
CA ILE A 286 8.26 -14.80 -18.55
C ILE A 286 8.74 -14.26 -19.89
N ASP A 287 9.27 -15.15 -20.72
CA ASP A 287 9.76 -14.75 -22.03
C ASP A 287 8.72 -15.00 -23.10
N PHE A 288 8.35 -13.92 -23.78
CA PHE A 288 7.37 -14.02 -24.84
C PHE A 288 8.09 -13.99 -26.18
N ARG A 289 7.67 -14.88 -27.07
CA ARG A 289 8.24 -14.95 -28.39
C ARG A 289 7.05 -14.98 -29.33
N PRO A 290 7.06 -14.14 -30.36
CA PRO A 290 5.92 -14.14 -31.27
C PRO A 290 5.78 -15.51 -31.91
N LYS A 291 4.55 -15.98 -31.99
CA LYS A 291 4.27 -17.28 -32.60
C LYS A 291 3.42 -17.06 -33.85
N ASP A 292 3.71 -17.83 -34.90
CA ASP A 292 3.04 -17.72 -36.18
C ASP A 292 1.58 -18.16 -36.16
N TYR A 293 1.30 -19.31 -35.55
CA TYR A 293 -0.07 -19.77 -35.55
C TYR A 293 -0.98 -18.82 -34.80
N LEU A 294 -0.49 -18.20 -33.74
CA LEU A 294 -1.32 -17.28 -32.99
C LEU A 294 -1.64 -16.04 -33.78
N LYS A 295 -0.70 -15.61 -34.60
CA LYS A 295 -0.89 -14.42 -35.41
C LYS A 295 -1.88 -14.76 -36.51
N HIS A 296 -1.71 -15.95 -37.10
CA HIS A 296 -2.58 -16.41 -38.17
C HIS A 296 -3.98 -16.60 -37.65
N CYS A 297 -4.08 -17.03 -36.40
CA CYS A 297 -5.38 -17.22 -35.79
C CYS A 297 -6.13 -15.89 -35.78
N LEU A 298 -5.46 -14.85 -35.31
CA LEU A 298 -6.07 -13.53 -35.24
C LEU A 298 -6.43 -13.01 -36.63
N GLU A 299 -5.56 -13.27 -37.60
CA GLU A 299 -5.82 -12.82 -38.96
C GLU A 299 -7.17 -13.40 -39.42
N ARG A 300 -7.52 -14.58 -38.93
CA ARG A 300 -8.78 -15.20 -39.31
C ARG A 300 -9.84 -15.08 -38.23
N SER A 301 -9.56 -14.28 -37.20
CA SER A 301 -10.50 -14.09 -36.09
C SER A 301 -10.56 -12.61 -35.64
N GLU A 302 -10.62 -11.70 -36.60
CA GLU A 302 -10.62 -10.28 -36.31
C GLU A 302 -11.33 -9.84 -35.04
N PHE A 303 -12.47 -10.45 -34.74
CA PHE A 303 -13.21 -10.02 -33.55
C PHE A 303 -12.39 -10.01 -32.26
N LEU A 304 -11.38 -10.86 -32.15
CA LEU A 304 -10.58 -10.88 -30.92
C LEU A 304 -9.85 -9.57 -30.67
N LEU A 305 -9.55 -8.83 -31.74
CA LEU A 305 -8.82 -7.56 -31.65
C LEU A 305 -9.76 -6.36 -31.75
N GLU A 306 -10.61 -6.39 -32.76
CA GLU A 306 -11.56 -5.32 -33.00
C GLU A 306 -12.45 -5.10 -31.77
N LYS A 307 -12.77 -6.18 -31.08
CA LYS A 307 -13.61 -6.03 -29.90
C LYS A 307 -12.78 -6.04 -28.64
N ARG A 308 -11.45 -5.92 -28.79
CA ARG A 308 -10.53 -5.89 -27.64
C ARG A 308 -10.81 -6.98 -26.62
N ILE A 309 -10.83 -8.24 -27.04
CA ILE A 309 -11.14 -9.31 -26.12
C ILE A 309 -9.94 -9.91 -25.42
N ILE A 310 -8.88 -10.23 -26.16
CA ILE A 310 -7.73 -10.82 -25.53
C ILE A 310 -6.89 -9.88 -24.64
N GLN A 311 -7.28 -8.60 -24.52
CA GLN A 311 -6.55 -7.64 -23.68
C GLN A 311 -7.44 -7.31 -22.49
N SER A 312 -8.63 -7.89 -22.49
CA SER A 312 -9.58 -7.64 -21.41
C SER A 312 -9.37 -8.49 -20.15
N GLY A 313 -9.46 -7.85 -18.99
CA GLY A 313 -9.32 -8.58 -17.75
C GLY A 313 -10.49 -9.52 -17.57
N ILE A 314 -11.58 -9.25 -18.28
CA ILE A 314 -12.76 -10.09 -18.20
C ILE A 314 -12.48 -11.46 -18.83
N ALA A 315 -11.61 -11.47 -19.84
CA ALA A 315 -11.27 -12.73 -20.49
C ALA A 315 -10.50 -13.59 -19.48
N LEU A 316 -9.75 -12.94 -18.60
CA LEU A 316 -8.99 -13.67 -17.57
C LEU A 316 -9.91 -14.13 -16.43
N LEU A 317 -10.88 -13.31 -16.05
CA LEU A 317 -11.76 -13.73 -14.98
C LEU A 317 -12.57 -14.91 -15.52
N LEU A 318 -12.94 -14.81 -16.80
CA LEU A 318 -13.68 -15.84 -17.50
C LEU A 318 -12.92 -17.16 -17.55
N MET A 319 -11.60 -17.10 -17.80
CA MET A 319 -10.73 -18.27 -17.87
C MET A 319 -10.72 -18.96 -16.50
N LEU A 320 -10.53 -18.16 -15.45
CA LEU A 320 -10.52 -18.65 -14.08
C LEU A 320 -11.80 -19.44 -13.79
N ILE A 321 -12.94 -18.80 -14.01
CA ILE A 321 -14.26 -19.39 -13.81
C ILE A 321 -14.38 -20.71 -14.55
N TRP A 322 -13.77 -20.75 -15.74
CA TRP A 322 -13.82 -21.92 -16.60
C TRP A 322 -12.86 -23.03 -16.21
N TYR A 323 -11.71 -22.67 -15.64
CA TYR A 323 -10.74 -23.68 -15.26
C TYR A 323 -10.68 -23.99 -13.77
N ARG A 324 -10.60 -22.95 -12.96
CA ARG A 324 -10.44 -23.08 -11.51
C ARG A 324 -11.60 -23.61 -10.69
N PRO A 325 -11.25 -24.36 -9.63
CA PRO A 325 -12.20 -24.97 -8.69
C PRO A 325 -12.81 -23.91 -7.79
N VAL A 326 -14.12 -23.97 -7.60
CA VAL A 326 -14.85 -23.01 -6.79
C VAL A 326 -14.26 -22.61 -5.43
N ALA A 327 -13.71 -23.57 -4.68
CA ALA A 327 -13.15 -23.26 -3.36
C ALA A 327 -11.85 -22.47 -3.42
N GLU A 328 -11.35 -22.24 -4.62
CA GLU A 328 -10.10 -21.50 -4.78
C GLU A 328 -10.41 -20.01 -4.71
N PHE A 329 -11.71 -19.68 -4.78
CA PHE A 329 -12.18 -18.29 -4.68
C PHE A 329 -12.54 -18.03 -3.21
N ALA A 330 -12.78 -16.77 -2.87
CA ALA A 330 -13.16 -16.41 -1.49
C ALA A 330 -14.60 -16.85 -1.23
N GLN A 331 -14.86 -17.34 -0.02
CA GLN A 331 -16.20 -17.80 0.34
C GLN A 331 -17.27 -16.84 -0.16
N SER A 332 -17.23 -15.62 0.33
CA SER A 332 -18.17 -14.59 -0.06
C SER A 332 -18.57 -14.59 -1.52
N ILE A 333 -17.65 -14.84 -2.45
CA ILE A 333 -17.96 -14.81 -3.87
C ILE A 333 -18.33 -16.11 -4.60
N GLN A 334 -18.03 -17.24 -3.97
CA GLN A 334 -18.31 -18.56 -4.53
C GLN A 334 -19.72 -18.79 -5.08
N SER A 335 -20.73 -18.32 -4.37
CA SER A 335 -22.13 -18.47 -4.80
C SER A 335 -22.32 -17.85 -6.18
N ARG A 336 -21.65 -16.72 -6.41
CA ARG A 336 -21.76 -16.04 -7.67
C ARG A 336 -20.91 -16.74 -8.74
N ILE A 337 -19.83 -17.37 -8.32
CA ILE A 337 -18.98 -18.07 -9.27
C ILE A 337 -19.64 -19.36 -9.76
N VAL A 338 -20.15 -20.18 -8.85
CA VAL A 338 -20.81 -21.43 -9.22
C VAL A 338 -21.90 -21.12 -10.22
N GLU A 339 -22.53 -19.97 -10.00
CA GLU A 339 -23.62 -19.50 -10.84
C GLU A 339 -23.15 -19.26 -12.27
N TRP A 340 -21.93 -18.74 -12.44
CA TRP A 340 -21.38 -18.51 -13.77
C TRP A 340 -20.87 -19.78 -14.42
N LYS A 341 -20.30 -20.68 -13.61
CA LYS A 341 -19.79 -21.95 -14.12
C LYS A 341 -20.93 -22.71 -14.77
N GLU A 342 -22.05 -22.79 -14.05
CA GLU A 342 -23.23 -23.46 -14.56
C GLU A 342 -23.59 -22.83 -15.90
N ARG A 343 -23.76 -21.51 -15.90
CA ARG A 343 -24.10 -20.80 -17.12
C ARG A 343 -23.21 -21.33 -18.23
N LEU A 344 -21.91 -21.16 -18.05
CA LEU A 344 -20.92 -21.60 -19.04
C LEU A 344 -21.06 -23.07 -19.39
N ASP A 345 -21.13 -23.92 -18.38
CA ASP A 345 -21.24 -25.36 -18.64
C ASP A 345 -22.47 -25.71 -19.47
N LYS A 346 -23.56 -25.01 -19.23
CA LYS A 346 -24.80 -25.23 -19.94
C LYS A 346 -24.76 -24.74 -21.40
N GLU A 347 -23.68 -24.10 -21.81
CA GLU A 347 -23.56 -23.56 -23.17
C GLU A 347 -22.38 -24.06 -23.96
N PHE A 348 -21.37 -24.55 -23.27
CA PHE A 348 -20.19 -25.02 -23.95
C PHE A 348 -19.74 -26.35 -23.40
N SER A 349 -19.53 -27.30 -24.31
CA SER A 349 -19.06 -28.61 -23.90
C SER A 349 -17.54 -28.55 -23.96
N LEU A 350 -16.91 -29.46 -23.27
CA LEU A 350 -15.47 -29.50 -23.29
C LEU A 350 -14.97 -29.71 -24.70
N SER A 351 -15.60 -30.57 -25.49
CA SER A 351 -15.08 -30.79 -26.84
C SER A 351 -15.17 -29.53 -27.72
N VAL A 352 -16.18 -28.71 -27.49
CA VAL A 352 -16.33 -27.47 -28.26
C VAL A 352 -15.18 -26.52 -27.92
N TYR A 353 -14.96 -26.28 -26.62
CA TYR A 353 -13.88 -25.40 -26.19
C TYR A 353 -12.55 -25.99 -26.64
N GLN A 354 -12.44 -27.31 -26.56
CA GLN A 354 -11.23 -28.00 -26.97
C GLN A 354 -10.94 -27.80 -28.45
N LYS A 355 -11.98 -27.71 -29.27
CA LYS A 355 -11.80 -27.51 -30.70
C LYS A 355 -11.28 -26.10 -30.96
N MET A 356 -11.78 -25.12 -30.20
CA MET A 356 -11.31 -23.74 -30.36
C MET A 356 -9.78 -23.70 -30.16
N LYS A 357 -9.29 -24.33 -29.10
CA LYS A 357 -7.85 -24.36 -28.81
C LYS A 357 -7.11 -25.02 -29.96
N PHE A 358 -7.73 -26.03 -30.56
CA PHE A 358 -7.13 -26.75 -31.68
C PHE A 358 -7.05 -25.83 -32.89
N ASN A 359 -8.11 -25.04 -33.09
CA ASN A 359 -8.14 -24.12 -34.21
C ASN A 359 -7.03 -23.08 -34.08
N VAL A 360 -6.81 -22.56 -32.87
CA VAL A 360 -5.75 -21.59 -32.63
C VAL A 360 -4.39 -22.24 -32.96
N ALA A 361 -4.20 -23.46 -32.47
CA ALA A 361 -2.96 -24.19 -32.73
C ALA A 361 -2.67 -24.27 -34.23
N MET A 362 -3.69 -24.57 -35.03
CA MET A 362 -3.55 -24.66 -36.47
C MET A 362 -3.60 -23.28 -37.13
N GLY A 363 -3.79 -22.24 -36.32
CA GLY A 363 -3.89 -20.87 -36.80
C GLY A 363 -4.99 -20.65 -37.83
N ILE A 364 -6.24 -20.98 -37.50
CA ILE A 364 -7.31 -20.81 -38.48
C ILE A 364 -8.58 -20.04 -38.13
N GLY A 365 -8.88 -19.87 -36.85
CA GLY A 365 -10.10 -19.14 -36.53
C GLY A 365 -10.79 -19.91 -35.44
N VAL A 366 -10.58 -19.46 -34.21
CA VAL A 366 -11.14 -20.12 -33.06
C VAL A 366 -12.53 -20.69 -33.37
N LEU A 367 -13.36 -19.90 -34.04
CA LEU A 367 -14.72 -20.33 -34.35
C LEU A 367 -14.97 -21.20 -35.57
N ASP A 368 -13.91 -21.66 -36.23
CA ASP A 368 -14.14 -22.52 -37.38
C ASP A 368 -14.58 -23.90 -36.89
N LYS B 7 -32.09 16.12 13.11
CA LYS B 7 -32.47 17.15 14.10
C LYS B 7 -31.32 18.08 14.45
N GLN B 8 -30.54 17.70 15.46
CA GLN B 8 -29.42 18.53 15.87
C GLN B 8 -28.22 17.65 16.22
N VAL B 9 -27.35 17.38 15.24
CA VAL B 9 -26.17 16.56 15.49
C VAL B 9 -25.19 17.20 16.46
N SER B 10 -24.45 16.37 17.16
CA SER B 10 -23.47 16.83 18.13
C SER B 10 -22.12 16.90 17.46
N TRP B 11 -21.59 18.11 17.31
CA TRP B 11 -20.28 18.27 16.69
C TRP B 11 -19.22 17.81 17.70
N LYS B 12 -19.55 17.93 18.99
CA LYS B 12 -18.60 17.56 20.04
C LYS B 12 -18.49 16.06 20.21
N LEU B 13 -19.53 15.34 19.84
CA LEU B 13 -19.49 13.90 19.97
C LEU B 13 -18.63 13.31 18.86
N VAL B 14 -18.63 13.96 17.71
CA VAL B 14 -17.82 13.53 16.57
C VAL B 14 -16.36 13.88 16.87
N THR B 15 -16.13 15.09 17.40
CA THR B 15 -14.78 15.51 17.73
C THR B 15 -14.18 14.55 18.76
N GLU B 16 -15.00 14.05 19.67
CA GLU B 16 -14.53 13.09 20.66
C GLU B 16 -13.99 11.89 19.90
N TYR B 17 -14.83 11.32 19.06
CA TYR B 17 -14.44 10.16 18.28
C TYR B 17 -13.11 10.40 17.58
N ALA B 18 -12.96 11.56 16.96
CA ALA B 18 -11.72 11.84 16.25
C ALA B 18 -10.52 11.86 17.21
N MET B 19 -10.65 12.59 18.31
CA MET B 19 -9.57 12.72 19.30
C MET B 19 -9.11 11.41 19.90
N GLU B 20 -10.04 10.46 20.04
CA GLU B 20 -9.71 9.17 20.63
C GLU B 20 -9.32 8.15 19.58
N THR B 21 -9.23 8.60 18.34
CA THR B 21 -8.85 7.75 17.22
C THR B 21 -7.57 8.36 16.65
N LYS B 22 -7.22 9.55 17.15
CA LYS B 22 -6.05 10.26 16.69
C LYS B 22 -6.18 10.47 15.18
N CYS B 23 -7.43 10.58 14.74
CA CYS B 23 -7.76 10.75 13.32
C CYS B 23 -7.64 12.18 12.80
N ASP B 24 -6.73 12.37 11.86
CA ASP B 24 -6.46 13.68 11.25
C ASP B 24 -6.91 13.72 9.78
N ASP B 25 -7.53 12.62 9.34
CA ASP B 25 -8.03 12.49 7.97
C ASP B 25 -9.53 12.81 7.93
N VAL B 26 -9.90 13.87 7.23
CA VAL B 26 -11.29 14.28 7.12
C VAL B 26 -12.14 13.24 6.40
N LEU B 27 -11.71 12.85 5.21
CA LEU B 27 -12.43 11.84 4.46
C LEU B 27 -12.53 10.56 5.30
N LEU B 28 -11.42 10.16 5.92
CA LEU B 28 -11.42 8.97 6.75
C LEU B 28 -12.39 9.11 7.95
N LEU B 29 -12.36 10.26 8.62
CA LEU B 29 -13.27 10.47 9.75
C LEU B 29 -14.71 10.27 9.29
N LEU B 30 -15.06 10.99 8.24
CA LEU B 30 -16.40 10.91 7.67
C LEU B 30 -16.75 9.44 7.37
N GLY B 31 -15.84 8.74 6.72
CA GLY B 31 -16.09 7.35 6.38
C GLY B 31 -16.34 6.50 7.60
N MET B 32 -15.49 6.65 8.61
CA MET B 32 -15.65 5.88 9.83
C MET B 32 -17.00 6.15 10.48
N TYR B 33 -17.27 7.42 10.76
CA TYR B 33 -18.50 7.79 11.44
C TYR B 33 -19.79 7.34 10.77
N LEU B 34 -19.84 7.38 9.44
CA LEU B 34 -21.05 6.98 8.74
C LEU B 34 -21.38 5.50 8.88
N GLU B 35 -20.49 4.73 9.50
CA GLU B 35 -20.76 3.31 9.68
C GLU B 35 -21.57 3.08 10.94
N PHE B 36 -21.50 4.04 11.86
CA PHE B 36 -22.23 3.90 13.11
C PHE B 36 -23.70 4.26 12.98
N GLN B 37 -24.13 4.65 11.79
CA GLN B 37 -25.54 5.03 11.62
C GLN B 37 -26.50 3.84 11.68
N TYR B 38 -25.97 2.65 11.42
CA TYR B 38 -26.74 1.42 11.43
C TYR B 38 -26.83 0.89 12.85
N SER B 39 -27.92 0.17 13.14
CA SER B 39 -28.11 -0.38 14.48
C SER B 39 -26.93 -1.29 14.79
N PHE B 40 -26.38 -1.14 15.98
CA PHE B 40 -25.23 -1.94 16.39
C PHE B 40 -25.66 -3.32 16.91
N GLU B 41 -26.97 -3.49 17.08
CA GLU B 41 -27.53 -4.75 17.56
C GLU B 41 -27.09 -5.92 16.69
N MET B 42 -27.30 -5.80 15.39
CA MET B 42 -26.89 -6.87 14.49
C MET B 42 -25.62 -6.45 13.73
N CYS B 43 -24.78 -5.64 14.39
CA CYS B 43 -23.55 -5.19 13.76
C CYS B 43 -22.55 -6.34 13.67
N LEU B 44 -22.25 -6.75 12.45
CA LEU B 44 -21.33 -7.84 12.22
C LEU B 44 -19.89 -7.40 12.51
N LYS B 45 -19.57 -6.18 12.10
CA LYS B 45 -18.23 -5.64 12.33
C LYS B 45 -17.91 -5.69 13.80
N CYS B 46 -18.90 -5.33 14.62
CA CYS B 46 -18.73 -5.36 16.07
C CYS B 46 -18.76 -6.81 16.53
N ILE B 47 -19.83 -7.51 16.13
CA ILE B 47 -20.01 -8.92 16.48
C ILE B 47 -18.74 -9.71 16.16
N LYS B 48 -18.10 -9.38 15.04
CA LYS B 48 -16.89 -10.09 14.65
C LYS B 48 -15.61 -9.41 15.13
N LYS B 49 -15.76 -8.28 15.82
CA LYS B 49 -14.63 -7.50 16.33
C LYS B 49 -13.45 -7.40 15.36
N GLU B 50 -13.76 -6.89 14.18
CA GLU B 50 -12.82 -6.72 13.08
C GLU B 50 -12.04 -5.40 13.09
N GLN B 51 -12.53 -4.40 13.82
CA GLN B 51 -11.83 -3.11 13.88
C GLN B 51 -12.07 -2.33 15.17
N PRO B 52 -11.00 -2.10 15.96
CA PRO B 52 -11.12 -1.37 17.22
C PRO B 52 -11.70 0.02 17.01
N SER B 53 -11.19 0.72 16.00
CA SER B 53 -11.65 2.07 15.67
C SER B 53 -13.14 2.06 15.34
N HIS B 54 -13.73 0.88 15.36
CA HIS B 54 -15.14 0.77 15.05
C HIS B 54 -15.96 0.14 16.18
N TYR B 55 -15.68 -1.13 16.49
CA TYR B 55 -16.44 -1.83 17.51
C TYR B 55 -16.37 -1.26 18.92
N LYS B 56 -15.31 -0.52 19.22
CA LYS B 56 -15.16 0.09 20.54
C LYS B 56 -15.95 1.39 20.69
N TYR B 57 -16.55 1.88 19.61
CA TYR B 57 -17.31 3.12 19.71
C TYR B 57 -18.68 3.14 19.04
N HIS B 58 -19.02 2.11 18.27
CA HIS B 58 -20.30 2.10 17.58
C HIS B 58 -21.51 2.38 18.48
N GLU B 59 -21.59 1.69 19.61
CA GLU B 59 -22.74 1.88 20.49
C GLU B 59 -22.88 3.30 21.03
N LYS B 60 -21.82 3.84 21.61
CA LYS B 60 -21.87 5.19 22.16
C LYS B 60 -22.14 6.26 21.11
N HIS B 61 -22.18 5.86 19.84
CA HIS B 61 -22.39 6.83 18.78
C HIS B 61 -23.59 6.59 17.89
N TYR B 62 -24.20 5.41 18.00
CA TYR B 62 -25.34 5.10 17.18
C TYR B 62 -26.22 6.34 17.02
N ALA B 63 -26.89 6.69 18.10
CA ALA B 63 -27.78 7.84 18.13
C ALA B 63 -27.26 9.02 17.31
N ASN B 64 -26.08 9.51 17.67
CA ASN B 64 -25.52 10.65 16.98
C ASN B 64 -25.32 10.38 15.49
N ALA B 65 -24.70 9.25 15.16
CA ALA B 65 -24.44 8.89 13.77
C ALA B 65 -25.71 8.87 12.92
N ALA B 66 -26.78 8.28 13.47
CA ALA B 66 -28.04 8.21 12.74
C ALA B 66 -28.57 9.58 12.38
N ILE B 67 -28.25 10.59 13.19
CA ILE B 67 -28.67 11.97 12.92
C ILE B 67 -27.69 12.60 11.93
N PHE B 68 -26.42 12.23 12.09
CA PHE B 68 -25.33 12.72 11.25
C PHE B 68 -25.63 12.36 9.81
N ALA B 69 -26.15 11.15 9.63
CA ALA B 69 -26.49 10.62 8.32
C ALA B 69 -27.51 11.45 7.53
N ASP B 70 -28.34 12.22 8.25
CA ASP B 70 -29.36 13.06 7.64
C ASP B 70 -29.01 14.56 7.71
N SER B 71 -27.78 14.85 8.12
CA SER B 71 -27.29 16.22 8.25
C SER B 71 -26.79 16.73 6.89
N LYS B 72 -26.98 18.01 6.64
CA LYS B 72 -26.57 18.60 5.37
C LYS B 72 -25.10 19.00 5.20
N ASN B 73 -24.37 19.13 6.30
CA ASN B 73 -22.97 19.50 6.20
C ASN B 73 -22.07 18.56 6.99
N GLN B 74 -22.10 17.28 6.62
CA GLN B 74 -21.29 16.24 7.26
C GLN B 74 -19.80 16.63 7.17
N LYS B 75 -19.39 17.05 5.97
CA LYS B 75 -18.01 17.46 5.71
C LYS B 75 -17.54 18.56 6.68
N THR B 76 -18.32 19.62 6.81
CA THR B 76 -17.96 20.71 7.70
C THR B 76 -17.80 20.23 9.15
N ILE B 77 -18.72 19.39 9.62
CA ILE B 77 -18.64 18.86 10.98
C ILE B 77 -17.28 18.15 11.15
N CYS B 78 -16.98 17.22 10.24
CA CYS B 78 -15.71 16.48 10.29
C CYS B 78 -14.50 17.39 10.29
N GLN B 79 -14.59 18.52 9.61
CA GLN B 79 -13.47 19.47 9.56
C GLN B 79 -13.07 19.91 10.94
N GLN B 80 -14.02 20.48 11.66
CA GLN B 80 -13.77 20.96 13.01
C GLN B 80 -13.22 19.86 13.92
N ALA B 81 -13.72 18.64 13.72
CA ALA B 81 -13.26 17.53 14.53
C ALA B 81 -11.79 17.24 14.25
N VAL B 82 -11.39 17.49 13.01
CA VAL B 82 -10.02 17.25 12.58
C VAL B 82 -9.11 18.40 13.01
N ASP B 83 -9.59 19.62 12.85
CA ASP B 83 -8.82 20.78 13.25
C ASP B 83 -8.52 20.66 14.75
N THR B 84 -9.41 19.98 15.46
CA THR B 84 -9.26 19.79 16.89
C THR B 84 -8.12 18.84 17.16
N VAL B 85 -8.02 17.81 16.33
CA VAL B 85 -6.96 16.83 16.51
C VAL B 85 -5.64 17.47 16.09
N LEU B 86 -5.67 18.25 15.02
CA LEU B 86 -4.45 18.91 14.56
C LEU B 86 -4.06 19.96 15.60
N ALA B 87 -5.06 20.56 16.24
CA ALA B 87 -4.81 21.59 17.25
C ALA B 87 -4.14 20.99 18.49
N LYS B 88 -4.54 19.77 18.84
CA LYS B 88 -3.98 19.10 20.00
C LYS B 88 -2.53 18.73 19.67
N LYS B 89 -2.29 18.35 18.43
CA LYS B 89 -0.96 17.97 18.01
C LYS B 89 -0.02 19.17 17.96
N ARG B 90 -0.60 20.35 17.74
CA ARG B 90 0.18 21.57 17.70
C ARG B 90 0.54 21.96 19.14
N VAL B 91 -0.33 21.60 20.07
CA VAL B 91 -0.12 21.93 21.46
C VAL B 91 0.95 21.03 22.07
N ASP B 92 0.94 19.74 21.73
CA ASP B 92 1.92 18.83 22.28
C ASP B 92 3.31 19.10 21.73
N SER B 93 3.34 19.63 20.51
CA SER B 93 4.60 19.96 19.87
C SER B 93 5.32 20.99 20.73
N LEU B 94 4.58 21.99 21.16
CA LEU B 94 5.18 23.04 21.96
C LEU B 94 5.16 22.87 23.46
N GLN B 95 4.61 21.77 23.97
CA GLN B 95 4.54 21.61 25.42
C GLN B 95 5.05 20.32 26.03
N LEU B 96 5.15 19.24 25.27
CA LEU B 96 5.63 18.02 25.89
C LEU B 96 7.14 17.91 25.86
N THR B 97 7.69 17.26 26.89
CA THR B 97 9.13 17.03 26.95
C THR B 97 9.32 15.91 25.97
N ARG B 98 10.54 15.71 25.50
CA ARG B 98 10.76 14.65 24.54
C ARG B 98 10.41 13.27 25.12
N GLU B 99 10.65 13.06 26.41
CA GLU B 99 10.33 11.77 26.99
C GLU B 99 8.81 11.54 26.91
N GLN B 100 8.01 12.55 27.25
CA GLN B 100 6.55 12.40 27.17
C GLN B 100 6.20 12.03 25.73
N MET B 101 6.91 12.64 24.78
CA MET B 101 6.70 12.35 23.36
C MET B 101 6.98 10.86 23.13
N LEU B 102 8.18 10.42 23.54
CA LEU B 102 8.56 9.03 23.36
C LEU B 102 7.60 8.06 24.03
N THR B 103 7.00 8.45 25.15
CA THR B 103 6.06 7.55 25.83
C THR B 103 4.73 7.41 25.07
N ASN B 104 4.25 8.50 24.49
CA ASN B 104 3.02 8.42 23.73
C ASN B 104 3.27 7.44 22.59
N ARG B 105 4.44 7.55 21.98
CA ARG B 105 4.81 6.67 20.89
C ARG B 105 4.74 5.23 21.36
N PHE B 106 5.35 4.97 22.51
CA PHE B 106 5.34 3.62 23.08
C PHE B 106 3.93 3.11 23.34
N ASN B 107 3.09 3.96 23.91
CA ASN B 107 1.72 3.57 24.19
C ASN B 107 1.04 3.15 22.89
N ASP B 108 1.29 3.91 21.85
CA ASP B 108 0.71 3.59 20.54
C ASP B 108 1.19 2.25 20.03
N LEU B 109 2.50 2.06 19.96
CA LEU B 109 3.00 0.77 19.48
C LEU B 109 2.40 -0.32 20.35
N LEU B 110 2.28 -0.07 21.65
CA LEU B 110 1.69 -1.06 22.52
C LEU B 110 0.25 -1.28 22.09
N ASP B 111 -0.48 -0.18 21.87
CA ASP B 111 -1.87 -0.27 21.45
C ASP B 111 -1.97 -1.33 20.34
N ARG B 112 -1.05 -1.29 19.40
CA ARG B 112 -1.06 -2.26 18.29
C ARG B 112 -0.82 -3.68 18.77
N MET B 113 0.21 -3.83 19.60
CA MET B 113 0.57 -5.12 20.12
C MET B 113 -0.62 -5.83 20.76
N ASP B 114 -1.39 -5.11 21.57
CA ASP B 114 -2.56 -5.73 22.20
C ASP B 114 -3.41 -6.35 21.08
N ILE B 115 -3.55 -5.65 19.97
CA ILE B 115 -4.33 -6.15 18.86
C ILE B 115 -3.63 -7.23 18.04
N MET B 116 -2.41 -6.97 17.58
CA MET B 116 -1.67 -7.97 16.79
C MET B 116 -1.64 -9.31 17.48
N PHE B 117 -1.29 -9.27 18.76
CA PHE B 117 -1.17 -10.47 19.58
C PHE B 117 -2.45 -10.82 20.33
N GLY B 118 -3.47 -10.00 20.15
CA GLY B 118 -4.74 -10.30 20.80
C GLY B 118 -5.39 -11.52 20.17
N SER B 119 -6.58 -11.87 20.63
CA SER B 119 -7.30 -13.03 20.10
C SER B 119 -7.89 -12.75 18.71
N THR B 120 -7.85 -11.48 18.31
CA THR B 120 -8.37 -11.05 17.01
C THR B 120 -7.23 -10.85 16.02
N GLY B 121 -6.05 -10.54 16.53
CA GLY B 121 -4.90 -10.33 15.67
C GLY B 121 -4.45 -11.63 15.02
N SER B 122 -3.51 -11.53 14.09
CA SER B 122 -2.99 -12.68 13.37
C SER B 122 -1.51 -12.94 13.68
N ALA B 123 -0.92 -12.08 14.49
CA ALA B 123 0.50 -12.20 14.85
C ALA B 123 0.85 -13.38 15.75
N ASP B 124 2.00 -14.00 15.44
CA ASP B 124 2.52 -15.12 16.21
C ASP B 124 3.61 -14.55 17.10
N ILE B 125 3.34 -14.46 18.39
CA ILE B 125 4.31 -13.90 19.30
C ILE B 125 5.64 -14.67 19.33
N GLU B 126 5.58 -15.98 19.04
CA GLU B 126 6.80 -16.78 19.00
C GLU B 126 7.72 -16.25 17.89
N GLU B 127 7.10 -15.88 16.77
CA GLU B 127 7.85 -15.37 15.63
C GLU B 127 8.43 -14.00 15.88
N TRP B 128 7.73 -13.21 16.70
CA TRP B 128 8.21 -11.88 17.04
C TRP B 128 9.28 -11.92 18.13
N MET B 129 9.39 -13.07 18.79
CA MET B 129 10.40 -13.25 19.82
C MET B 129 11.60 -13.90 19.13
N ALA B 130 11.37 -14.43 17.94
CA ALA B 130 12.45 -15.04 17.18
C ALA B 130 13.15 -13.83 16.60
N GLY B 131 12.36 -12.76 16.46
CA GLY B 131 12.90 -11.52 15.92
C GLY B 131 13.84 -10.82 16.88
N VAL B 132 13.45 -10.81 18.16
CA VAL B 132 14.26 -10.17 19.19
C VAL B 132 15.58 -10.90 19.25
N ALA B 133 15.50 -12.23 19.24
CA ALA B 133 16.69 -13.06 19.29
C ALA B 133 17.62 -12.78 18.12
N TRP B 134 17.07 -12.73 16.91
CA TRP B 134 17.92 -12.47 15.76
C TRP B 134 18.52 -11.10 15.94
N LEU B 135 17.67 -10.09 16.11
CA LEU B 135 18.15 -8.72 16.31
C LEU B 135 19.19 -8.63 17.42
N HIS B 136 19.08 -9.50 18.43
CA HIS B 136 20.02 -9.47 19.54
C HIS B 136 21.36 -10.10 19.17
N CYS B 137 21.46 -10.62 17.95
CA CYS B 137 22.71 -11.24 17.49
C CYS B 137 23.37 -10.36 16.43
N LEU B 138 22.68 -9.28 16.06
CA LEU B 138 23.16 -8.33 15.06
C LEU B 138 24.25 -7.41 15.65
N LEU B 139 24.18 -7.16 16.95
CA LEU B 139 25.14 -6.30 17.64
C LEU B 139 25.34 -6.75 19.07
N PRO B 140 26.53 -6.48 19.62
CA PRO B 140 26.89 -6.83 20.99
C PRO B 140 26.14 -5.91 21.95
N LYS B 141 25.55 -6.48 23.00
CA LYS B 141 24.78 -5.73 24.00
C LYS B 141 23.74 -4.83 23.33
N MET B 142 23.00 -5.41 22.39
CA MET B 142 21.99 -4.71 21.61
C MET B 142 20.90 -3.99 22.40
N ASP B 143 20.42 -4.59 23.48
CA ASP B 143 19.39 -3.94 24.27
C ASP B 143 19.92 -2.69 24.96
N SER B 144 21.21 -2.70 25.30
CA SER B 144 21.84 -1.56 25.96
C SER B 144 22.09 -0.56 24.85
N VAL B 145 22.31 -1.05 23.65
CA VAL B 145 22.52 -0.17 22.52
C VAL B 145 21.21 0.56 22.22
N VAL B 146 20.11 -0.17 22.14
CA VAL B 146 18.82 0.45 21.85
C VAL B 146 18.48 1.47 22.94
N TYR B 147 18.63 1.07 24.19
CA TYR B 147 18.35 1.93 25.32
C TYR B 147 19.12 3.24 25.20
N ASP B 148 20.43 3.16 25.01
CA ASP B 148 21.24 4.35 24.88
C ASP B 148 20.73 5.29 23.79
N PHE B 149 20.57 4.75 22.59
CA PHE B 149 20.10 5.54 21.47
C PHE B 149 18.93 6.39 21.98
N LEU B 150 18.00 5.75 22.67
CA LEU B 150 16.83 6.44 23.21
C LEU B 150 17.24 7.58 24.12
N LYS B 151 18.08 7.30 25.12
CA LYS B 151 18.49 8.36 26.01
C LYS B 151 19.06 9.47 25.13
N CYS B 152 19.87 9.07 24.16
CA CYS B 152 20.46 10.03 23.25
C CYS B 152 19.37 10.89 22.61
N MET B 153 18.44 10.26 21.92
CA MET B 153 17.36 10.97 21.24
C MET B 153 16.50 11.83 22.16
N VAL B 154 16.18 11.33 23.34
CA VAL B 154 15.36 12.07 24.27
C VAL B 154 16.17 13.25 24.82
N TYR B 155 17.43 13.02 25.15
CA TYR B 155 18.27 14.08 25.72
C TYR B 155 18.61 15.16 24.74
N ASN B 156 18.58 14.83 23.45
CA ASN B 156 18.88 15.77 22.37
C ASN B 156 19.87 16.87 22.79
N ILE B 157 21.10 16.46 23.10
CA ILE B 157 22.12 17.40 23.55
C ILE B 157 23.12 17.82 22.45
N PRO B 158 23.35 19.12 22.32
CA PRO B 158 24.28 19.69 21.33
C PRO B 158 25.53 18.85 21.04
N LYS B 159 25.72 18.54 19.74
CA LYS B 159 26.87 17.78 19.26
C LYS B 159 26.94 16.33 19.72
N LYS B 160 25.89 15.86 20.40
CA LYS B 160 25.84 14.48 20.89
C LYS B 160 24.48 13.87 20.55
N ARG B 161 24.02 14.11 19.34
CA ARG B 161 22.71 13.60 18.92
C ARG B 161 22.68 12.81 17.60
N TYR B 162 23.85 12.59 17.01
CA TYR B 162 23.92 11.83 15.77
C TYR B 162 24.80 10.62 15.77
N TRP B 163 24.20 9.51 15.37
CA TRP B 163 24.89 8.23 15.27
C TRP B 163 25.11 7.97 13.79
N LEU B 164 26.21 7.28 13.51
CA LEU B 164 26.58 6.95 12.16
C LEU B 164 26.55 5.44 11.99
N PHE B 165 25.66 4.94 11.16
CA PHE B 165 25.61 3.51 10.89
C PHE B 165 26.38 3.33 9.60
N LYS B 166 27.60 2.82 9.73
CA LYS B 166 28.45 2.63 8.57
C LYS B 166 28.62 1.13 8.30
N GLY B 167 28.30 0.73 7.08
CA GLY B 167 28.44 -0.67 6.76
C GLY B 167 28.22 -0.93 5.28
N PRO B 168 28.61 -2.13 4.82
CA PRO B 168 28.45 -2.50 3.42
C PRO B 168 26.98 -2.50 3.09
N ILE B 169 26.52 -3.60 2.53
CA ILE B 169 25.13 -3.77 2.15
C ILE B 169 24.70 -5.14 2.67
N ASP B 170 23.45 -5.26 3.07
CA ASP B 170 22.95 -6.52 3.62
C ASP B 170 23.78 -6.78 4.84
N SER B 171 24.14 -5.72 5.54
CA SER B 171 24.95 -5.82 6.75
C SER B 171 24.18 -5.55 8.05
N GLY B 172 22.91 -5.14 7.91
CA GLY B 172 22.09 -4.87 9.08
C GLY B 172 21.73 -3.41 9.36
N LYS B 173 22.64 -2.49 9.04
CA LYS B 173 22.39 -1.06 9.30
C LYS B 173 21.03 -0.58 8.83
N THR B 174 20.67 -0.93 7.60
CA THR B 174 19.39 -0.51 7.07
C THR B 174 18.25 -1.08 7.94
N THR B 175 18.36 -2.35 8.29
CA THR B 175 17.34 -2.99 9.11
C THR B 175 17.18 -2.34 10.49
N LEU B 176 18.29 -2.21 11.23
CA LEU B 176 18.27 -1.62 12.56
C LEU B 176 17.80 -0.15 12.56
N ALA B 177 18.21 0.60 11.54
CA ALA B 177 17.81 2.00 11.43
C ALA B 177 16.32 2.08 11.15
N ALA B 178 15.81 1.07 10.45
CA ALA B 178 14.39 1.04 10.13
C ALA B 178 13.60 0.74 11.41
N ALA B 179 14.09 -0.22 12.18
CA ALA B 179 13.42 -0.58 13.42
C ALA B 179 13.47 0.60 14.40
N LEU B 180 14.62 1.26 14.48
CA LEU B 180 14.79 2.38 15.39
C LEU B 180 13.89 3.51 14.95
N LEU B 181 13.79 3.68 13.63
CA LEU B 181 12.96 4.73 13.03
C LEU B 181 11.52 4.55 13.48
N GLU B 182 11.01 3.32 13.38
CA GLU B 182 9.63 3.04 13.77
C GLU B 182 9.42 3.06 15.29
N LEU B 183 10.42 2.65 16.04
CA LEU B 183 10.32 2.63 17.50
C LEU B 183 10.14 4.02 18.07
N CYS B 184 10.81 5.01 17.49
CA CYS B 184 10.73 6.40 17.97
C CYS B 184 9.83 7.38 17.25
N GLY B 185 9.45 7.04 16.02
CA GLY B 185 8.65 7.93 15.20
C GLY B 185 9.71 8.65 14.37
N GLY B 186 9.32 9.43 13.36
CA GLY B 186 10.32 10.13 12.58
C GLY B 186 10.31 9.83 11.09
N LYS B 187 11.10 10.59 10.33
CA LYS B 187 11.18 10.44 8.89
C LYS B 187 12.57 10.13 8.34
N ALA B 188 12.61 9.41 7.23
CA ALA B 188 13.86 9.08 6.57
C ALA B 188 14.07 10.24 5.59
N LEU B 189 15.33 10.58 5.31
CA LEU B 189 15.61 11.68 4.38
C LEU B 189 16.70 11.34 3.38
N ASN B 190 16.50 11.74 2.12
CA ASN B 190 17.48 11.52 1.08
C ASN B 190 18.16 12.84 0.77
N VAL B 191 19.46 12.91 1.06
CA VAL B 191 20.22 14.12 0.85
C VAL B 191 21.15 14.00 -0.35
N ASN B 192 21.14 12.84 -1.01
CA ASN B 192 21.94 12.69 -2.21
C ASN B 192 21.05 13.36 -3.24
N LEU B 193 21.11 14.69 -3.30
CA LEU B 193 20.27 15.42 -4.24
C LEU B 193 21.00 16.67 -4.75
N PRO B 194 20.31 17.48 -5.57
CA PRO B 194 20.93 18.71 -6.09
C PRO B 194 21.04 19.69 -4.91
N LEU B 195 22.23 20.22 -4.67
CA LEU B 195 22.44 21.14 -3.56
C LEU B 195 21.35 22.20 -3.41
N ASP B 196 20.43 22.29 -4.37
CA ASP B 196 19.36 23.27 -4.30
C ASP B 196 18.01 22.61 -4.06
N ARG B 197 17.88 21.36 -4.51
CA ARG B 197 16.64 20.62 -4.30
C ARG B 197 16.77 19.91 -2.96
N LEU B 198 17.56 20.51 -2.07
CA LEU B 198 17.83 20.00 -0.74
C LEU B 198 16.82 20.50 0.30
N ASN B 199 16.67 21.82 0.41
CA ASN B 199 15.74 22.41 1.36
C ASN B 199 14.41 21.67 1.34
N PHE B 200 14.01 21.23 0.15
CA PHE B 200 12.78 20.47 -0.09
C PHE B 200 12.69 19.36 0.95
N GLU B 201 13.66 18.44 0.89
CA GLU B 201 13.71 17.29 1.79
C GLU B 201 13.94 17.65 3.26
N LEU B 202 14.91 18.51 3.51
CA LEU B 202 15.19 18.92 4.88
C LEU B 202 13.93 19.41 5.57
N GLY B 203 13.01 19.97 4.80
CA GLY B 203 11.77 20.47 5.36
C GLY B 203 10.88 19.36 5.89
N VAL B 204 11.11 18.13 5.46
CA VAL B 204 10.31 17.00 5.92
C VAL B 204 10.54 16.75 7.41
N ALA B 205 11.69 17.20 7.89
CA ALA B 205 12.10 17.04 9.28
C ALA B 205 11.27 17.82 10.27
N ILE B 206 10.48 18.76 9.76
CA ILE B 206 9.63 19.62 10.57
C ILE B 206 8.80 18.88 11.61
N ASP B 207 9.00 19.23 12.88
CA ASP B 207 8.28 18.62 13.99
C ASP B 207 8.51 17.12 14.18
N GLN B 208 9.45 16.54 13.45
CA GLN B 208 9.74 15.11 13.58
C GLN B 208 10.61 14.86 14.81
N PHE B 209 10.31 13.80 15.53
CA PHE B 209 11.07 13.45 16.74
C PHE B 209 12.54 13.12 16.45
N LEU B 210 12.80 12.34 15.40
CA LEU B 210 14.18 12.01 15.04
C LEU B 210 14.21 11.84 13.52
N VAL B 211 15.39 11.94 12.96
CA VAL B 211 15.53 11.82 11.52
C VAL B 211 16.53 10.76 11.12
N VAL B 212 16.32 10.18 9.95
CA VAL B 212 17.26 9.21 9.44
C VAL B 212 17.63 9.53 8.00
N PHE B 213 18.91 9.83 7.79
CA PHE B 213 19.47 10.12 6.46
C PHE B 213 19.89 8.75 5.93
N GLU B 214 19.06 8.18 5.06
CA GLU B 214 19.34 6.86 4.50
C GLU B 214 20.28 6.82 3.32
N ASP B 215 21.23 5.90 3.39
CA ASP B 215 22.24 5.67 2.38
C ASP B 215 22.86 6.93 1.77
N VAL B 216 23.51 7.71 2.62
CA VAL B 216 24.18 8.92 2.18
C VAL B 216 25.32 8.44 1.28
N LYS B 217 25.54 9.13 0.16
CA LYS B 217 26.60 8.74 -0.76
C LYS B 217 27.62 9.86 -0.92
N GLY B 218 28.88 9.49 -1.14
CA GLY B 218 29.93 10.47 -1.28
C GLY B 218 30.66 10.35 -2.61
N THR B 219 31.17 11.49 -3.10
CA THR B 219 31.90 11.51 -4.36
C THR B 219 33.19 10.73 -4.13
N GLY B 220 33.95 11.14 -3.11
CA GLY B 220 35.18 10.45 -2.80
C GLY B 220 34.82 8.99 -2.76
N GLY B 221 35.70 8.12 -3.25
CA GLY B 221 35.41 6.71 -3.25
C GLY B 221 34.63 6.34 -4.49
N GLU B 222 35.06 5.28 -5.15
CA GLU B 222 34.42 4.84 -6.38
C GLU B 222 35.01 3.49 -6.79
N SER B 223 36.31 3.36 -6.57
CA SER B 223 37.01 2.13 -6.89
C SER B 223 36.28 0.93 -6.32
N ARG B 224 36.05 0.93 -5.00
CA ARG B 224 35.36 -0.19 -4.34
C ARG B 224 33.92 -0.48 -4.78
N ASP B 225 33.52 0.05 -5.94
CA ASP B 225 32.20 -0.18 -6.53
C ASP B 225 31.05 0.68 -6.00
N LEU B 226 31.37 1.71 -5.24
CA LEU B 226 30.34 2.57 -4.68
C LEU B 226 30.05 3.77 -5.57
N PRO B 227 28.77 4.03 -5.85
CA PRO B 227 28.29 5.15 -6.68
C PRO B 227 28.83 6.51 -6.27
N SER B 228 28.33 7.57 -6.91
CA SER B 228 28.81 8.91 -6.61
C SER B 228 28.00 9.64 -5.52
N GLY B 229 26.83 10.16 -5.89
CA GLY B 229 26.00 10.86 -4.91
C GLY B 229 26.67 12.04 -4.22
N GLN B 230 25.87 12.98 -3.73
CA GLN B 230 26.39 14.17 -3.05
C GLN B 230 26.00 14.29 -1.57
N GLY B 231 25.42 13.23 -1.01
CA GLY B 231 25.01 13.29 0.39
C GLY B 231 26.08 13.72 1.36
N ILE B 232 27.21 13.00 1.38
CA ILE B 232 28.31 13.33 2.29
C ILE B 232 28.67 14.80 2.11
N ASN B 233 28.67 15.23 0.85
CA ASN B 233 28.98 16.60 0.52
C ASN B 233 27.98 17.52 1.20
N ASN B 234 26.69 17.20 1.05
CA ASN B 234 25.63 18.00 1.63
C ASN B 234 25.62 17.99 3.15
N LEU B 235 25.77 16.81 3.73
CA LEU B 235 25.76 16.69 5.19
C LEU B 235 26.77 17.65 5.78
N ASP B 236 27.93 17.74 5.15
CA ASP B 236 28.97 18.62 5.67
C ASP B 236 28.57 20.10 5.64
N ASN B 237 27.56 20.44 4.83
CA ASN B 237 27.09 21.82 4.74
C ASN B 237 25.87 22.05 5.63
N LEU B 238 25.61 21.09 6.51
CA LEU B 238 24.47 21.18 7.42
C LEU B 238 24.91 20.97 8.86
N ARG B 239 26.18 21.27 9.17
CA ARG B 239 26.71 21.12 10.52
C ARG B 239 25.80 21.79 11.56
N ASP B 240 25.05 22.80 11.15
CA ASP B 240 24.16 23.50 12.07
C ASP B 240 22.86 22.74 12.34
N TYR B 241 22.45 21.95 11.36
CA TYR B 241 21.24 21.16 11.51
C TYR B 241 21.58 19.95 12.36
N LEU B 242 22.79 19.43 12.18
CA LEU B 242 23.22 18.24 12.88
C LEU B 242 23.51 18.36 14.37
N ASP B 243 24.42 19.23 14.77
CA ASP B 243 24.73 19.34 16.20
C ASP B 243 23.75 20.16 17.00
N GLY B 244 22.85 20.81 16.28
CA GLY B 244 21.79 21.60 16.90
C GLY B 244 22.10 22.50 18.07
N SER B 245 23.10 23.37 17.91
CA SER B 245 23.45 24.33 18.97
C SER B 245 22.43 25.45 18.95
N VAL B 246 22.04 25.84 17.75
CA VAL B 246 21.06 26.91 17.57
C VAL B 246 19.94 26.44 16.64
N LYS B 247 18.86 27.21 16.57
CA LYS B 247 17.72 26.86 15.70
C LYS B 247 18.02 26.95 14.20
N VAL B 248 17.08 26.45 13.40
CA VAL B 248 17.21 26.43 11.96
C VAL B 248 15.84 26.62 11.27
N ASN B 249 15.85 27.12 10.03
CA ASN B 249 14.61 27.34 9.28
C ASN B 249 14.35 26.27 8.22
N LEU B 250 13.24 25.55 8.37
CA LEU B 250 12.85 24.46 7.47
C LEU B 250 11.80 24.84 6.41
N GLU B 251 12.01 24.40 5.17
CA GLU B 251 11.10 24.70 4.06
C GLU B 251 10.13 23.59 3.66
N LYS B 252 8.83 23.90 3.70
CA LYS B 252 7.78 22.96 3.32
C LYS B 252 6.64 23.79 2.72
N LYS B 253 5.78 23.16 1.92
CA LYS B 253 4.67 23.89 1.30
C LYS B 253 5.23 24.90 0.30
N HIS B 254 6.52 24.78 0.03
CA HIS B 254 7.24 25.66 -0.90
C HIS B 254 7.42 27.06 -0.32
N LEU B 255 7.79 27.13 0.96
CA LEU B 255 8.01 28.39 1.66
C LEU B 255 8.78 28.12 2.96
N ASN B 256 8.85 29.13 3.83
CA ASN B 256 9.55 28.98 5.11
C ASN B 256 8.60 28.81 6.29
N LYS B 257 8.31 27.56 6.64
CA LYS B 257 7.44 27.25 7.77
C LYS B 257 8.29 27.33 9.02
N ARG B 258 8.16 26.30 9.85
CA ARG B 258 8.87 26.19 11.11
C ARG B 258 10.36 26.53 11.21
N THR B 259 10.69 27.13 12.35
CA THR B 259 12.05 27.51 12.74
C THR B 259 12.23 26.68 13.99
N GLN B 260 13.14 25.72 13.98
CA GLN B 260 13.30 24.85 15.15
C GLN B 260 14.68 24.22 15.23
N ILE B 261 14.92 23.51 16.32
CA ILE B 261 16.18 22.81 16.45
C ILE B 261 15.97 21.62 15.51
N PHE B 262 16.90 21.37 14.61
CA PHE B 262 16.75 20.24 13.70
C PHE B 262 16.75 18.95 14.52
N PRO B 263 15.93 17.95 14.12
CA PRO B 263 15.91 16.71 14.90
C PRO B 263 17.21 15.91 14.92
N PRO B 264 17.40 15.08 15.97
CA PRO B 264 18.56 14.20 16.22
C PRO B 264 18.28 12.96 15.36
N GLY B 265 19.24 12.06 15.27
CA GLY B 265 18.97 10.87 14.48
C GLY B 265 20.14 10.02 14.07
N ILE B 266 19.97 9.33 12.95
CA ILE B 266 21.02 8.44 12.44
C ILE B 266 21.40 8.82 11.01
N VAL B 267 22.58 8.39 10.62
CA VAL B 267 23.05 8.59 9.27
C VAL B 267 23.50 7.20 8.87
N THR B 268 22.80 6.63 7.89
CA THR B 268 23.13 5.31 7.37
C THR B 268 24.07 5.55 6.18
N MET B 269 25.18 4.84 6.15
CA MET B 269 26.16 5.07 5.10
C MET B 269 26.73 3.77 4.57
N ASN B 270 27.26 3.83 3.35
CA ASN B 270 27.79 2.63 2.71
C ASN B 270 29.30 2.36 2.67
N GLU B 271 30.09 3.17 3.36
CA GLU B 271 31.55 2.99 3.41
C GLU B 271 32.37 3.87 2.48
N TYR B 272 32.16 5.18 2.57
CA TYR B 272 32.90 6.13 1.77
C TYR B 272 33.95 6.75 2.69
N SER B 273 34.52 7.89 2.26
CA SER B 273 35.49 8.59 3.07
C SER B 273 34.73 9.73 3.69
N VAL B 274 34.74 9.81 5.02
CA VAL B 274 34.01 10.86 5.70
C VAL B 274 34.93 11.95 6.22
N PRO B 275 34.78 13.19 5.71
CA PRO B 275 35.57 14.35 6.11
C PRO B 275 35.61 14.48 7.63
N LYS B 276 36.78 14.80 8.17
CA LYS B 276 36.94 14.95 9.60
C LYS B 276 35.89 15.92 10.16
N THR B 277 35.59 16.96 9.39
CA THR B 277 34.61 17.93 9.82
C THR B 277 33.23 17.27 9.94
N LEU B 278 32.98 16.23 9.14
CA LEU B 278 31.68 15.55 9.19
C LEU B 278 31.73 14.50 10.30
N GLN B 279 32.84 13.78 10.38
CA GLN B 279 33.01 12.74 11.37
C GLN B 279 32.79 13.26 12.78
N ALA B 280 33.26 14.47 13.02
CA ALA B 280 33.15 15.13 14.33
C ALA B 280 31.71 15.42 14.68
N ARG B 281 30.83 15.21 13.71
CA ARG B 281 29.42 15.45 13.91
C ARG B 281 28.71 14.29 14.57
N PHE B 282 29.33 13.12 14.58
CA PHE B 282 28.68 11.94 15.17
C PHE B 282 29.27 11.54 16.50
N VAL B 283 28.42 11.46 17.52
CA VAL B 283 28.83 11.08 18.85
C VAL B 283 29.12 9.58 19.01
N LYS B 284 28.58 8.78 18.10
CA LYS B 284 28.80 7.34 18.13
C LYS B 284 28.78 6.82 16.69
N GLN B 285 29.57 5.77 16.42
CA GLN B 285 29.61 5.18 15.09
C GLN B 285 29.60 3.66 15.22
N ILE B 286 28.67 3.02 14.51
CA ILE B 286 28.54 1.57 14.54
C ILE B 286 28.89 0.98 13.18
N ASP B 287 29.78 0.00 13.17
CA ASP B 287 30.19 -0.66 11.93
C ASP B 287 29.44 -1.96 11.83
N PHE B 288 28.73 -2.14 10.72
CA PHE B 288 28.00 -3.38 10.50
C PHE B 288 28.77 -4.15 9.45
N ARG B 289 29.08 -5.42 9.75
CA ARG B 289 29.80 -6.28 8.81
C ARG B 289 28.93 -7.52 8.62
N PRO B 290 28.67 -7.91 7.35
CA PRO B 290 27.82 -9.08 7.08
C PRO B 290 28.27 -10.31 7.84
N LYS B 291 27.31 -11.04 8.37
CA LYS B 291 27.63 -12.25 9.13
C LYS B 291 26.89 -13.42 8.49
N ASP B 292 27.64 -14.48 8.20
CA ASP B 292 27.10 -15.67 7.56
C ASP B 292 25.96 -16.35 8.30
N TYR B 293 26.14 -16.61 9.59
CA TYR B 293 25.08 -17.26 10.35
C TYR B 293 23.80 -16.44 10.29
N LEU B 294 23.91 -15.12 10.39
CA LEU B 294 22.72 -14.28 10.34
C LEU B 294 22.02 -14.42 9.00
N LYS B 295 22.80 -14.53 7.94
CA LYS B 295 22.26 -14.67 6.60
C LYS B 295 21.60 -16.04 6.44
N HIS B 296 22.36 -17.11 6.65
CA HIS B 296 21.80 -18.45 6.52
C HIS B 296 20.53 -18.54 7.34
N CYS B 297 20.64 -18.11 8.60
CA CYS B 297 19.53 -18.11 9.53
C CYS B 297 18.24 -17.58 8.91
N LEU B 298 18.33 -16.46 8.21
CA LEU B 298 17.16 -15.88 7.58
C LEU B 298 16.68 -16.83 6.49
N GLU B 299 17.63 -17.36 5.72
CA GLU B 299 17.29 -18.31 4.65
C GLU B 299 16.37 -19.39 5.20
N ARG B 300 16.68 -19.82 6.42
CA ARG B 300 15.90 -20.86 7.09
C ARG B 300 14.80 -20.30 8.00
N SER B 301 14.75 -18.98 8.15
CA SER B 301 13.74 -18.33 8.98
C SER B 301 12.99 -17.25 8.18
N GLU B 302 12.65 -17.60 6.95
CA GLU B 302 11.93 -16.74 6.04
C GLU B 302 10.89 -15.84 6.72
N PHE B 303 10.08 -16.42 7.59
CA PHE B 303 9.03 -15.64 8.26
C PHE B 303 9.50 -14.33 8.87
N LEU B 304 10.80 -14.23 9.13
CA LEU B 304 11.33 -13.02 9.72
C LEU B 304 11.31 -11.86 8.73
N LEU B 305 11.62 -12.16 7.47
CA LEU B 305 11.64 -11.14 6.43
C LEU B 305 10.27 -11.01 5.77
N GLU B 306 9.61 -12.15 5.60
CA GLU B 306 8.30 -12.18 4.98
C GLU B 306 7.21 -11.45 5.76
N LYS B 307 7.34 -11.38 7.07
CA LYS B 307 6.33 -10.68 7.84
C LYS B 307 6.87 -9.35 8.34
N ARG B 308 7.97 -8.91 7.73
CA ARG B 308 8.58 -7.63 8.08
C ARG B 308 8.75 -7.46 9.58
N ILE B 309 9.26 -8.50 10.23
CA ILE B 309 9.45 -8.49 11.68
C ILE B 309 10.75 -7.87 12.21
N ILE B 310 11.88 -8.19 11.58
CA ILE B 310 13.14 -7.64 12.06
C ILE B 310 13.32 -6.15 11.84
N GLN B 311 12.56 -5.55 10.92
CA GLN B 311 12.69 -4.10 10.69
C GLN B 311 11.60 -3.37 11.45
N SER B 312 10.89 -4.05 12.33
CA SER B 312 9.84 -3.40 13.08
C SER B 312 10.31 -2.83 14.40
N GLY B 313 9.86 -1.61 14.66
CA GLY B 313 10.19 -0.97 15.92
C GLY B 313 9.47 -1.77 16.98
N ILE B 314 8.45 -2.52 16.57
CA ILE B 314 7.69 -3.33 17.52
C ILE B 314 8.57 -4.46 18.01
N ALA B 315 9.47 -4.91 17.15
CA ALA B 315 10.38 -5.97 17.52
C ALA B 315 11.30 -5.37 18.58
N LEU B 316 11.67 -4.11 18.39
CA LEU B 316 12.55 -3.44 19.35
C LEU B 316 11.88 -3.05 20.65
N LEU B 317 10.57 -2.86 20.64
CA LEU B 317 9.87 -2.52 21.88
C LEU B 317 9.75 -3.81 22.70
N LEU B 318 9.65 -4.94 22.01
CA LEU B 318 9.55 -6.21 22.69
C LEU B 318 10.89 -6.54 23.31
N MET B 319 11.98 -6.12 22.69
CA MET B 319 13.31 -6.42 23.22
C MET B 319 13.58 -5.68 24.53
N LEU B 320 13.07 -4.47 24.63
CA LEU B 320 13.26 -3.66 25.82
C LEU B 320 12.42 -4.19 26.98
N ILE B 321 11.18 -4.56 26.66
CA ILE B 321 10.28 -5.09 27.66
C ILE B 321 10.83 -6.43 28.19
N TRP B 322 11.53 -7.15 27.31
CA TRP B 322 12.07 -8.46 27.65
C TRP B 322 13.43 -8.47 28.35
N TYR B 323 14.20 -7.39 28.19
CA TYR B 323 15.55 -7.29 28.77
C TYR B 323 15.69 -6.24 29.86
N ARG B 324 14.97 -5.14 29.67
CA ARG B 324 15.06 -4.01 30.56
C ARG B 324 14.18 -3.95 31.80
N PRO B 325 14.67 -3.28 32.86
CA PRO B 325 13.89 -3.17 34.10
C PRO B 325 12.84 -2.07 34.01
N VAL B 326 11.69 -2.31 34.64
CA VAL B 326 10.58 -1.37 34.66
C VAL B 326 10.91 0.09 34.99
N ALA B 327 11.76 0.31 36.00
CA ALA B 327 12.12 1.68 36.41
C ALA B 327 12.81 2.48 35.31
N GLU B 328 13.20 1.79 34.24
CA GLU B 328 13.87 2.46 33.16
C GLU B 328 12.85 3.12 32.25
N PHE B 329 11.58 2.70 32.35
CA PHE B 329 10.50 3.27 31.55
C PHE B 329 9.92 4.48 32.26
N ALA B 330 9.09 5.24 31.58
CA ALA B 330 8.45 6.41 32.20
C ALA B 330 7.40 5.93 33.18
N GLN B 331 7.35 6.54 34.35
CA GLN B 331 6.40 6.16 35.40
C GLN B 331 5.03 5.85 34.80
N SER B 332 4.56 6.77 33.97
CA SER B 332 3.26 6.66 33.31
C SER B 332 2.97 5.36 32.58
N ILE B 333 3.99 4.74 32.00
CA ILE B 333 3.76 3.52 31.22
C ILE B 333 4.11 2.20 31.92
N GLN B 334 5.04 2.25 32.86
CA GLN B 334 5.50 1.07 33.60
C GLN B 334 4.44 0.02 33.89
N SER B 335 3.32 0.43 34.48
CA SER B 335 2.27 -0.51 34.82
C SER B 335 1.82 -1.31 33.61
N ARG B 336 1.90 -0.70 32.44
CA ARG B 336 1.49 -1.36 31.21
C ARG B 336 2.58 -2.31 30.70
N ILE B 337 3.83 -1.98 30.99
CA ILE B 337 4.98 -2.80 30.59
C ILE B 337 5.01 -4.06 31.48
N VAL B 338 4.88 -3.86 32.79
CA VAL B 338 4.89 -4.95 33.76
C VAL B 338 3.86 -5.97 33.31
N GLU B 339 2.72 -5.44 32.91
CA GLU B 339 1.58 -6.21 32.41
C GLU B 339 2.09 -7.14 31.31
N TRP B 340 2.88 -6.58 30.40
CA TRP B 340 3.43 -7.32 29.27
C TRP B 340 4.53 -8.32 29.65
N LYS B 341 5.43 -7.88 30.54
CA LYS B 341 6.53 -8.72 31.00
C LYS B 341 5.97 -10.04 31.48
N GLU B 342 5.00 -9.92 32.38
CA GLU B 342 4.33 -11.07 32.94
C GLU B 342 3.77 -11.96 31.84
N ARG B 343 3.10 -11.35 30.88
CA ARG B 343 2.53 -12.11 29.79
C ARG B 343 3.65 -12.84 29.07
N LEU B 344 4.72 -12.11 28.79
CA LEU B 344 5.87 -12.68 28.07
C LEU B 344 6.63 -13.73 28.88
N ASP B 345 6.77 -13.48 30.19
CA ASP B 345 7.47 -14.40 31.09
C ASP B 345 6.64 -15.66 31.35
N LYS B 346 5.33 -15.56 31.11
CA LYS B 346 4.44 -16.70 31.28
C LYS B 346 4.47 -17.55 30.02
N GLU B 347 4.85 -16.92 28.91
CA GLU B 347 4.91 -17.58 27.60
C GLU B 347 6.25 -18.19 27.20
N PHE B 348 7.36 -17.60 27.63
CA PHE B 348 8.66 -18.13 27.24
C PHE B 348 9.62 -18.24 28.40
N SER B 349 10.40 -19.32 28.41
CA SER B 349 11.39 -19.53 29.44
C SER B 349 12.69 -18.97 28.91
N LEU B 350 13.55 -18.50 29.81
CA LEU B 350 14.83 -17.95 29.42
C LEU B 350 15.60 -18.94 28.56
N SER B 351 15.49 -20.23 28.89
CA SER B 351 16.19 -21.28 28.15
C SER B 351 15.70 -21.44 26.72
N VAL B 352 14.40 -21.24 26.52
CA VAL B 352 13.80 -21.34 25.20
C VAL B 352 14.33 -20.20 24.34
N TYR B 353 14.38 -19.02 24.92
CA TYR B 353 14.87 -17.85 24.24
C TYR B 353 16.35 -18.01 23.93
N GLN B 354 17.09 -18.54 24.89
CA GLN B 354 18.53 -18.72 24.70
C GLN B 354 18.82 -19.69 23.57
N LYS B 355 17.95 -20.69 23.39
CA LYS B 355 18.13 -21.66 22.32
C LYS B 355 17.96 -20.93 20.98
N MET B 356 17.01 -19.99 20.98
CA MET B 356 16.73 -19.20 19.79
C MET B 356 18.00 -18.47 19.37
N LYS B 357 18.70 -17.86 20.33
CA LYS B 357 19.93 -17.14 19.98
C LYS B 357 20.99 -18.14 19.55
N PHE B 358 21.07 -19.26 20.26
CA PHE B 358 22.04 -20.29 19.93
C PHE B 358 21.85 -20.69 18.48
N ASN B 359 20.57 -20.83 18.09
CA ASN B 359 20.24 -21.19 16.72
C ASN B 359 20.74 -20.14 15.74
N VAL B 360 20.38 -18.89 15.98
CA VAL B 360 20.84 -17.80 15.12
C VAL B 360 22.36 -17.90 15.02
N ALA B 361 23.00 -18.27 16.13
CA ALA B 361 24.45 -18.40 16.20
C ALA B 361 24.99 -19.49 15.29
N MET B 362 24.29 -20.63 15.24
CA MET B 362 24.68 -21.76 14.39
C MET B 362 24.12 -21.62 12.98
N GLY B 363 23.48 -20.48 12.72
CA GLY B 363 22.88 -20.22 11.41
C GLY B 363 21.85 -21.23 10.95
N ILE B 364 20.79 -21.44 11.73
CA ILE B 364 19.79 -22.43 11.37
C ILE B 364 18.33 -22.09 11.66
N GLY B 365 17.94 -20.84 11.62
CA GLY B 365 16.54 -20.60 11.89
C GLY B 365 16.17 -20.80 13.35
N VAL B 366 15.71 -19.71 13.95
CA VAL B 366 15.33 -19.63 15.35
C VAL B 366 14.38 -20.67 15.94
N LEU B 367 13.38 -21.10 15.19
CA LEU B 367 12.41 -22.04 15.75
C LEU B 367 12.69 -23.53 15.62
N ASP B 368 13.92 -23.91 15.32
CA ASP B 368 14.26 -25.33 15.19
C ASP B 368 14.27 -26.04 16.56
ZN ZN C . -36.14 6.12 -16.01
ZN ZN D . -20.76 -1.75 14.33
#